data_4X8D
#
_entry.id   4X8D
#
_cell.length_a   135.292
_cell.length_b   135.292
_cell.length_c   141.293
_cell.angle_alpha   90.000
_cell.angle_beta   90.000
_cell.angle_gamma   90.000
#
_symmetry.space_group_name_H-M   'P 43 21 2'
#
loop_
_entity.id
_entity.type
_entity.pdbx_description
1 polymer 'Sulfoxide synthase EgtB'
2 non-polymer GAMMA-GLUTAMYLCYSTEINE
3 non-polymer N,N-dimethyl-L-histidine
4 non-polymer 'MANGANESE (II) ION'
5 non-polymer GLYCEROL
6 non-polymer 'MAGNESIUM ION'
7 non-polymer 'CHLORIDE ION'
8 non-polymer 'CALCIUM ION'
9 water water
#
_entity_poly.entity_id   1
_entity_poly.type   'polypeptide(L)'
_entity_poly.pdbx_seq_one_letter_code
;GHMGVAVPHRAELARQLIDARNRTLRLVDFDDAELRRQYDPLMSPLVWDLAHIGQQEELWLLRGGDPRRPGLLEPAVEQL
YDAFVHPRASRVHLPLLSPAQARRFCATVRSAVLDALDRLPEDADTFAFGMVVSHEHQHDETMLQALNLRSGEPLLGSGT
ALPPGRPGVAGTSVLVPGGPFVLGVDLADEPYALDNERPAHVVDVPAFRIGRVPVTNAEWRAFIDDGGYRQRRWWSDAGW
AYRCEAGLTAPQFWNPDGTRTRFGHVEDIPPDEPVQHVTYFEAEAYAAWAGARLPTEIEWEKACAWDPATGRRRRYPWGD
AAPTAALANLGGDALRPAPVGAYPAGASACGAEQMLGDVWEWTSSPLRPWPGFTPMIYQRYSQPFFEGAGSGDYRVLRGG
SWAVAADILRPSFRNWDHPIRRQIFAGVRLAWDVDRQTARPGPVGGC
;
_entity_poly.pdbx_strand_id   A,B
#
# COMPACT_ATOMS: atom_id res chain seq x y z
N PRO A 8 -5.67 -6.18 -17.29
CA PRO A 8 -5.19 -6.37 -18.66
C PRO A 8 -3.71 -6.70 -18.70
N HIS A 9 -2.88 -5.78 -18.22
CA HIS A 9 -1.50 -6.09 -17.93
C HIS A 9 -1.53 -6.98 -16.71
N ARG A 10 -0.73 -8.03 -16.72
CA ARG A 10 -0.67 -8.92 -15.58
C ARG A 10 -0.30 -8.19 -14.31
N ALA A 11 0.55 -7.17 -14.45
CA ALA A 11 0.98 -6.39 -13.30
C ALA A 11 -0.19 -5.60 -12.71
N GLU A 12 -1.07 -5.10 -13.57
CA GLU A 12 -2.23 -4.34 -13.10
C GLU A 12 -3.23 -5.26 -12.40
N LEU A 13 -3.39 -6.49 -12.91
CA LEU A 13 -4.28 -7.46 -12.27
C LEU A 13 -3.77 -7.85 -10.90
N ALA A 14 -2.46 -8.04 -10.80
CA ALA A 14 -1.84 -8.37 -9.54
C ALA A 14 -2.09 -7.22 -8.57
N ARG A 15 -1.92 -5.99 -9.05
CA ARG A 15 -2.17 -4.83 -8.21
C ARG A 15 -3.61 -4.81 -7.73
N GLN A 16 -4.56 -5.17 -8.60
CA GLN A 16 -5.97 -5.16 -8.24
C GLN A 16 -6.33 -6.26 -7.25
N LEU A 17 -5.78 -7.46 -7.44
CA LEU A 17 -5.98 -8.53 -6.47
C LEU A 17 -5.39 -8.15 -5.09
N ILE A 18 -4.19 -7.58 -5.11
CA ILE A 18 -3.53 -7.18 -3.86
C ILE A 18 -4.33 -6.08 -3.15
N ASP A 19 -4.79 -5.07 -3.91
CA ASP A 19 -5.61 -4.01 -3.33
CA ASP A 19 -5.61 -4.01 -3.34
C ASP A 19 -6.87 -4.57 -2.68
N ALA A 20 -7.54 -5.50 -3.36
CA ALA A 20 -8.75 -6.12 -2.81
C ALA A 20 -8.45 -6.86 -1.50
N ARG A 21 -7.36 -7.64 -1.49
CA ARG A 21 -6.99 -8.39 -0.30
C ARG A 21 -6.59 -7.47 0.85
N ASN A 22 -5.92 -6.36 0.55
CA ASN A 22 -5.59 -5.39 1.60
C ASN A 22 -6.85 -4.92 2.28
N ARG A 23 -7.88 -4.70 1.48
CA ARG A 23 -9.14 -4.22 1.97
C ARG A 23 -9.82 -5.25 2.88
N THR A 24 -9.87 -6.49 2.40
CA THR A 24 -10.41 -7.58 3.18
C THR A 24 -9.71 -7.73 4.53
N LEU A 25 -8.38 -7.66 4.52
CA LEU A 25 -7.64 -7.90 5.74
C LEU A 25 -7.83 -6.74 6.74
N ARG A 26 -8.02 -5.51 6.26
CA ARG A 26 -8.36 -4.42 7.16
C ARG A 26 -9.72 -4.70 7.82
N LEU A 27 -10.67 -5.22 7.04
CA LEU A 27 -12.03 -5.46 7.54
C LEU A 27 -12.12 -6.63 8.52
N VAL A 28 -11.10 -7.49 8.58
CA VAL A 28 -11.08 -8.56 9.58
C VAL A 28 -9.91 -8.43 10.55
N ASP A 29 -9.37 -7.22 10.67
CA ASP A 29 -8.25 -6.96 11.58
C ASP A 29 -8.77 -6.68 12.99
N PHE A 30 -9.44 -7.67 13.56
CA PHE A 30 -10.02 -7.61 14.89
C PHE A 30 -9.78 -8.95 15.60
N ASP A 31 -10.09 -9.06 16.88
CA ASP A 31 -9.90 -10.29 17.66
CA ASP A 31 -9.80 -10.32 17.57
C ASP A 31 -10.74 -11.44 17.11
N ASP A 32 -10.32 -12.67 17.38
CA ASP A 32 -11.00 -13.84 16.85
C ASP A 32 -12.48 -13.89 17.20
N ALA A 33 -12.81 -13.51 18.44
CA ALA A 33 -14.19 -13.53 18.90
C ALA A 33 -15.07 -12.59 18.07
N GLU A 34 -14.55 -11.45 17.63
CA GLU A 34 -15.31 -10.53 16.78
C GLU A 34 -15.65 -11.19 15.45
N LEU A 35 -14.67 -11.87 14.88
CA LEU A 35 -14.86 -12.45 13.55
C LEU A 35 -15.83 -13.63 13.57
N ARG A 36 -16.07 -14.20 14.75
CA ARG A 36 -16.98 -15.34 14.90
C ARG A 36 -18.38 -14.93 15.31
N ARG A 37 -18.56 -13.67 15.68
CA ARG A 37 -19.86 -13.18 16.11
C ARG A 37 -20.86 -13.13 14.96
N GLN A 38 -22.13 -13.38 15.29
CA GLN A 38 -23.22 -13.06 14.37
C GLN A 38 -23.79 -11.69 14.77
N TYR A 39 -23.51 -10.67 13.96
CA TYR A 39 -23.97 -9.33 14.27
C TYR A 39 -25.48 -9.22 14.06
N ASP A 40 -25.99 -10.03 13.14
CA ASP A 40 -27.41 -10.00 12.78
C ASP A 40 -27.66 -11.27 11.99
N PRO A 41 -28.80 -11.93 12.20
CA PRO A 41 -29.02 -13.20 11.48
C PRO A 41 -29.02 -13.08 9.95
N LEU A 42 -29.19 -11.87 9.43
CA LEU A 42 -29.09 -11.64 7.99
C LEU A 42 -27.69 -11.85 7.43
N MET A 43 -26.69 -11.83 8.32
CA MET A 43 -25.29 -11.70 7.90
C MET A 43 -24.43 -12.86 8.40
N SER A 44 -23.45 -13.25 7.60
CA SER A 44 -22.47 -14.25 8.00
C SER A 44 -21.55 -13.65 9.04
N PRO A 45 -20.95 -14.50 9.88
CA PRO A 45 -19.80 -14.00 10.65
C PRO A 45 -18.69 -13.60 9.69
N LEU A 46 -17.90 -12.58 10.04
CA LEU A 46 -16.86 -12.10 9.15
C LEU A 46 -15.89 -13.23 8.74
N VAL A 47 -15.64 -14.18 9.64
CA VAL A 47 -14.71 -15.26 9.35
C VAL A 47 -15.21 -16.19 8.23
N TRP A 48 -16.52 -16.18 7.98
CA TRP A 48 -17.09 -16.97 6.89
C TRP A 48 -16.70 -16.31 5.56
N ASP A 49 -16.96 -15.01 5.45
CA ASP A 49 -16.62 -14.30 4.22
C ASP A 49 -15.14 -14.38 3.93
N LEU A 50 -14.31 -14.32 4.97
CA LEU A 50 -12.87 -14.41 4.79
C LEU A 50 -12.46 -15.71 4.09
N ALA A 51 -12.86 -16.85 4.64
CA ALA A 51 -12.51 -18.14 4.05
C ALA A 51 -13.20 -18.35 2.70
N HIS A 52 -14.43 -17.87 2.59
CA HIS A 52 -15.17 -17.96 1.35
C HIS A 52 -14.46 -17.22 0.20
N ILE A 53 -13.91 -16.04 0.50
CA ILE A 53 -13.15 -15.27 -0.48
C ILE A 53 -11.99 -16.11 -1.02
N GLY A 54 -11.27 -16.76 -0.11
CA GLY A 54 -10.16 -17.61 -0.49
C GLY A 54 -10.59 -18.83 -1.28
N GLN A 55 -11.68 -19.46 -0.83
CA GLN A 55 -12.19 -20.67 -1.49
C GLN A 55 -12.66 -20.39 -2.91
N GLN A 56 -13.29 -19.24 -3.11
CA GLN A 56 -13.74 -18.86 -4.44
C GLN A 56 -12.56 -18.49 -5.33
N GLU A 57 -11.56 -17.83 -4.76
CA GLU A 57 -10.38 -17.48 -5.54
C GLU A 57 -9.69 -18.77 -6.02
N GLU A 58 -9.58 -19.75 -5.12
CA GLU A 58 -9.00 -21.05 -5.48
C GLU A 58 -9.80 -21.75 -6.57
N LEU A 59 -11.12 -21.79 -6.40
CA LEU A 59 -12.00 -22.48 -7.35
C LEU A 59 -11.87 -21.92 -8.77
N TRP A 60 -11.97 -20.60 -8.91
CA TRP A 60 -12.07 -20.00 -10.24
C TRP A 60 -10.71 -19.80 -10.89
N LEU A 61 -9.65 -19.66 -10.10
CA LEU A 61 -8.33 -19.37 -10.67
C LEU A 61 -7.39 -20.58 -10.67
N LEU A 62 -7.51 -21.48 -9.70
CA LEU A 62 -6.58 -22.62 -9.61
C LEU A 62 -7.22 -23.95 -9.98
N ARG A 63 -8.54 -24.03 -9.91
CA ARG A 63 -9.25 -25.30 -10.15
C ARG A 63 -10.17 -25.22 -11.37
N GLY A 64 -10.00 -24.19 -12.20
CA GLY A 64 -10.75 -24.06 -13.43
C GLY A 64 -12.25 -24.08 -13.25
N GLY A 65 -12.72 -23.69 -12.07
CA GLY A 65 -14.14 -23.64 -11.79
C GLY A 65 -14.79 -25.01 -11.71
N ASP A 66 -13.96 -26.05 -11.64
CA ASP A 66 -14.43 -27.44 -11.59
C ASP A 66 -14.27 -28.00 -10.17
N PRO A 67 -15.38 -28.16 -9.44
CA PRO A 67 -15.24 -28.61 -8.05
C PRO A 67 -14.72 -30.04 -7.93
N ARG A 68 -14.71 -30.78 -9.04
CA ARG A 68 -14.19 -32.15 -9.02
C ARG A 68 -12.67 -32.13 -8.91
N ARG A 69 -12.04 -31.00 -9.25
CA ARG A 69 -10.60 -30.87 -9.14
CA ARG A 69 -10.60 -30.91 -9.14
C ARG A 69 -10.21 -30.67 -7.67
N PRO A 70 -9.12 -31.32 -7.22
CA PRO A 70 -8.79 -31.19 -5.80
C PRO A 70 -8.45 -29.78 -5.38
N GLY A 71 -8.83 -29.43 -4.17
CA GLY A 71 -8.47 -28.16 -3.56
C GLY A 71 -7.67 -28.42 -2.29
N LEU A 72 -7.23 -27.36 -1.64
CA LEU A 72 -6.49 -27.53 -0.40
C LEU A 72 -7.37 -28.13 0.72
N LEU A 73 -8.64 -27.78 0.75
CA LEU A 73 -9.55 -28.27 1.79
C LEU A 73 -10.27 -29.56 1.35
N GLU A 74 -10.61 -30.42 2.30
CA GLU A 74 -11.52 -31.55 2.03
C GLU A 74 -12.80 -31.00 1.38
N PRO A 75 -13.39 -31.73 0.42
CA PRO A 75 -14.66 -31.27 -0.16
C PRO A 75 -15.74 -30.90 0.87
N ALA A 76 -15.91 -31.70 1.93
CA ALA A 76 -16.91 -31.40 2.95
C ALA A 76 -16.63 -30.08 3.68
N VAL A 77 -15.36 -29.76 3.86
CA VAL A 77 -14.99 -28.50 4.50
C VAL A 77 -15.21 -27.33 3.54
N GLU A 78 -14.81 -27.54 2.31
CA GLU A 78 -14.97 -26.56 1.25
C GLU A 78 -16.44 -26.17 1.06
N GLN A 79 -17.33 -27.15 1.22
CA GLN A 79 -18.77 -26.92 0.97
C GLN A 79 -19.41 -26.07 2.07
N LEU A 80 -18.73 -25.89 3.20
CA LEU A 80 -19.22 -24.96 4.22
C LEU A 80 -19.34 -23.55 3.69
N TYR A 81 -18.58 -23.25 2.65
CA TYR A 81 -18.52 -21.90 2.06
C TYR A 81 -19.32 -21.79 0.77
N ASP A 82 -20.19 -22.76 0.53
CA ASP A 82 -21.16 -22.73 -0.57
C ASP A 82 -22.46 -22.10 -0.07
N ALA A 83 -22.73 -20.87 -0.51
CA ALA A 83 -23.91 -20.14 -0.05
C ALA A 83 -25.23 -20.82 -0.39
N PHE A 84 -25.26 -21.64 -1.43
CA PHE A 84 -26.51 -22.26 -1.84
C PHE A 84 -26.97 -23.32 -0.87
N VAL A 85 -26.01 -23.90 -0.14
CA VAL A 85 -26.28 -24.99 0.79
C VAL A 85 -26.54 -24.49 2.21
N HIS A 86 -26.07 -23.28 2.52
CA HIS A 86 -26.06 -22.79 3.90
C HIS A 86 -26.65 -21.39 4.03
N PRO A 87 -27.91 -21.29 4.49
CA PRO A 87 -28.52 -19.97 4.71
C PRO A 87 -27.68 -19.10 5.63
N ARG A 88 -27.72 -17.79 5.39
CA ARG A 88 -26.93 -16.82 6.15
C ARG A 88 -26.97 -17.06 7.66
N ALA A 89 -28.17 -17.21 8.19
CA ALA A 89 -28.35 -17.25 9.65
C ALA A 89 -27.68 -18.46 10.30
N SER A 90 -27.62 -19.57 9.57
CA SER A 90 -27.07 -20.82 10.08
C SER A 90 -25.55 -20.80 10.22
N ARG A 91 -24.90 -19.85 9.59
CA ARG A 91 -23.45 -19.96 9.39
C ARG A 91 -22.68 -19.75 10.70
N VAL A 92 -23.28 -19.03 11.65
CA VAL A 92 -22.63 -18.80 12.93
C VAL A 92 -22.43 -20.12 13.70
N HIS A 93 -23.24 -21.14 13.41
CA HIS A 93 -23.15 -22.42 14.13
C HIS A 93 -22.38 -23.50 13.35
N LEU A 94 -21.98 -23.21 12.12
CA LEU A 94 -21.21 -24.19 11.33
C LEU A 94 -19.80 -24.38 11.89
N PRO A 95 -19.19 -25.55 11.65
CA PRO A 95 -17.81 -25.81 12.11
C PRO A 95 -16.76 -25.18 11.18
N LEU A 96 -16.75 -23.86 11.13
CA LEU A 96 -15.89 -23.10 10.22
C LEU A 96 -14.41 -23.13 10.60
N LEU A 97 -13.56 -22.93 9.61
CA LEU A 97 -12.14 -22.66 9.87
C LEU A 97 -12.02 -21.51 10.85
N SER A 98 -11.08 -21.62 11.80
CA SER A 98 -10.74 -20.48 12.65
C SER A 98 -10.20 -19.31 11.84
N PRO A 99 -10.17 -18.11 12.44
CA PRO A 99 -9.54 -16.99 11.74
C PRO A 99 -8.08 -17.29 11.33
N ALA A 100 -7.30 -17.92 12.18
CA ALA A 100 -5.90 -18.21 11.84
C ALA A 100 -5.82 -19.16 10.65
N GLN A 101 -6.62 -20.21 10.67
CA GLN A 101 -6.69 -21.17 9.58
C GLN A 101 -7.13 -20.52 8.28
N ALA A 102 -8.11 -19.63 8.38
CA ALA A 102 -8.67 -18.97 7.21
C ALA A 102 -7.64 -18.04 6.58
N ARG A 103 -6.92 -17.28 7.40
CA ARG A 103 -5.88 -16.39 6.87
C ARG A 103 -4.77 -17.20 6.19
N ARG A 104 -4.41 -18.31 6.81
CA ARG A 104 -3.35 -19.15 6.29
C ARG A 104 -3.77 -19.72 4.94
N PHE A 105 -5.02 -20.21 4.89
CA PHE A 105 -5.60 -20.75 3.66
C PHE A 105 -5.63 -19.68 2.58
N CYS A 106 -6.13 -18.50 2.91
CA CYS A 106 -6.17 -17.40 1.94
C CYS A 106 -4.78 -17.07 1.41
N ALA A 107 -3.77 -17.05 2.29
CA ALA A 107 -2.43 -16.68 1.87
C ALA A 107 -1.81 -17.74 0.94
N THR A 108 -2.02 -19.02 1.24
CA THR A 108 -1.50 -20.10 0.41
C THR A 108 -2.09 -20.05 -1.01
N VAL A 109 -3.41 -19.83 -1.07
CA VAL A 109 -4.10 -19.70 -2.35
C VAL A 109 -3.56 -18.51 -3.14
N ARG A 110 -3.43 -17.36 -2.47
CA ARG A 110 -2.95 -16.14 -3.13
C ARG A 110 -1.54 -16.31 -3.70
N SER A 111 -0.66 -16.97 -2.95
CA SER A 111 0.69 -17.23 -3.44
C SER A 111 0.66 -18.03 -4.75
N ALA A 112 -0.18 -19.07 -4.80
CA ALA A 112 -0.31 -19.89 -6.00
C ALA A 112 -0.95 -19.09 -7.16
N VAL A 113 -1.90 -18.24 -6.82
CA VAL A 113 -2.55 -17.39 -7.83
C VAL A 113 -1.58 -16.38 -8.47
N LEU A 114 -0.76 -15.73 -7.66
CA LEU A 114 0.22 -14.81 -8.21
C LEU A 114 1.27 -15.55 -9.05
N ASP A 115 1.63 -16.77 -8.66
CA ASP A 115 2.54 -17.57 -9.49
C ASP A 115 1.88 -17.91 -10.83
N ALA A 116 0.60 -18.28 -10.79
CA ALA A 116 -0.15 -18.67 -11.98
C ALA A 116 -0.23 -17.50 -12.94
N LEU A 117 -0.43 -16.32 -12.38
CA LEU A 117 -0.52 -15.10 -13.18
C LEU A 117 0.78 -14.87 -13.94
N ASP A 118 1.91 -15.06 -13.25
CA ASP A 118 3.23 -14.85 -13.86
CA ASP A 118 3.23 -14.83 -13.86
C ASP A 118 3.49 -15.79 -15.02
N ARG A 119 2.91 -17.00 -14.95
CA ARG A 119 3.21 -18.04 -15.92
CA ARG A 119 3.20 -18.05 -15.92
C ARG A 119 2.28 -18.06 -17.13
N LEU A 120 1.17 -17.35 -17.06
CA LEU A 120 0.21 -17.34 -18.17
C LEU A 120 0.89 -17.02 -19.51
N PRO A 121 0.53 -17.74 -20.58
CA PRO A 121 1.09 -17.43 -21.91
C PRO A 121 0.77 -16.01 -22.37
N GLU A 122 1.58 -15.44 -23.24
CA GLU A 122 1.31 -14.11 -23.78
C GLU A 122 -0.08 -14.09 -24.40
N ASP A 123 -0.82 -13.01 -24.17
CA ASP A 123 -2.14 -12.82 -24.77
C ASP A 123 -3.16 -13.86 -24.30
N ALA A 124 -2.89 -14.51 -23.17
CA ALA A 124 -3.86 -15.44 -22.60
C ALA A 124 -5.07 -14.69 -22.05
N ASP A 125 -6.20 -15.38 -22.01
CA ASP A 125 -7.42 -14.80 -21.48
C ASP A 125 -7.29 -14.66 -19.97
N THR A 126 -7.70 -13.53 -19.41
CA THR A 126 -7.54 -13.29 -17.98
C THR A 126 -8.86 -12.92 -17.31
N PHE A 127 -9.98 -13.18 -17.97
CA PHE A 127 -11.27 -12.76 -17.46
C PHE A 127 -11.51 -13.20 -16.02
N ALA A 128 -11.20 -14.46 -15.73
CA ALA A 128 -11.49 -15.01 -14.41
C ALA A 128 -10.80 -14.22 -13.31
N PHE A 129 -9.61 -13.67 -13.60
CA PHE A 129 -8.88 -12.91 -12.61
C PHE A 129 -9.63 -11.63 -12.26
N GLY A 130 -10.20 -10.96 -13.26
CA GLY A 130 -10.99 -9.76 -13.01
C GLY A 130 -12.30 -10.08 -12.33
N MET A 131 -12.88 -11.23 -12.68
CA MET A 131 -14.10 -11.69 -12.02
C MET A 131 -13.86 -11.89 -10.52
N VAL A 132 -12.73 -12.48 -10.18
CA VAL A 132 -12.40 -12.72 -8.77
C VAL A 132 -12.12 -11.40 -8.02
N VAL A 133 -11.48 -10.45 -8.69
CA VAL A 133 -11.32 -9.11 -8.10
C VAL A 133 -12.70 -8.53 -7.77
N SER A 134 -13.63 -8.64 -8.70
CA SER A 134 -15.00 -8.18 -8.44
C SER A 134 -15.62 -8.92 -7.26
N HIS A 135 -15.49 -10.24 -7.26
CA HIS A 135 -16.05 -11.06 -6.18
C HIS A 135 -15.55 -10.61 -4.80
N GLU A 136 -14.24 -10.40 -4.68
CA GLU A 136 -13.68 -10.05 -3.37
C GLU A 136 -14.18 -8.70 -2.90
N HIS A 137 -14.13 -7.69 -3.77
CA HIS A 137 -14.66 -6.38 -3.40
C HIS A 137 -16.14 -6.39 -3.02
N GLN A 138 -16.94 -7.19 -3.71
CA GLN A 138 -18.36 -7.28 -3.36
C GLN A 138 -18.54 -7.87 -1.97
N HIS A 139 -17.73 -8.86 -1.59
CA HIS A 139 -17.82 -9.36 -0.23
C HIS A 139 -17.28 -8.35 0.78
N ASP A 140 -16.38 -7.48 0.34
CA ASP A 140 -15.93 -6.42 1.25
C ASP A 140 -17.08 -5.51 1.58
N GLU A 141 -17.94 -5.20 0.61
CA GLU A 141 -19.14 -4.40 0.93
C GLU A 141 -20.13 -5.18 1.83
N THR A 142 -20.33 -6.46 1.56
CA THR A 142 -21.14 -7.29 2.46
C THR A 142 -20.62 -7.22 3.92
N MET A 143 -19.31 -7.32 4.10
CA MET A 143 -18.73 -7.27 5.44
C MET A 143 -18.98 -5.90 6.09
N LEU A 144 -18.93 -4.83 5.29
CA LEU A 144 -19.26 -3.51 5.82
C LEU A 144 -20.74 -3.43 6.26
N GLN A 145 -21.65 -4.07 5.53
CA GLN A 145 -23.05 -4.14 5.97
C GLN A 145 -23.17 -4.75 7.37
N ALA A 146 -22.40 -5.81 7.59
CA ALA A 146 -22.38 -6.52 8.86
C ALA A 146 -21.81 -5.63 9.95
N LEU A 147 -20.72 -4.95 9.65
CA LEU A 147 -20.09 -4.11 10.66
C LEU A 147 -21.02 -2.94 11.03
N ASN A 148 -21.83 -2.47 10.07
CA ASN A 148 -22.77 -1.39 10.36
C ASN A 148 -23.95 -1.87 11.24
N LEU A 149 -24.29 -3.16 11.12
CA LEU A 149 -25.34 -3.75 11.95
C LEU A 149 -24.87 -4.07 13.36
N ARG A 150 -23.57 -4.23 13.54
CA ARG A 150 -23.00 -4.61 14.83
C ARG A 150 -23.41 -3.68 15.96
N SER A 151 -23.95 -4.23 17.03
CA SER A 151 -24.30 -3.46 18.20
CA SER A 151 -24.30 -3.45 18.20
C SER A 151 -23.08 -3.31 19.10
N GLY A 152 -22.80 -2.10 19.56
CA GLY A 152 -21.70 -1.86 20.47
C GLY A 152 -20.85 -0.66 20.11
N GLU A 153 -19.82 -0.44 20.91
CA GLU A 153 -18.89 0.65 20.65
C GLU A 153 -18.20 0.47 19.30
N PRO A 154 -18.05 1.57 18.54
CA PRO A 154 -17.52 1.49 17.17
C PRO A 154 -16.18 0.76 17.06
N LEU A 155 -16.07 -0.06 16.04
CA LEU A 155 -14.79 -0.65 15.64
C LEU A 155 -14.10 0.19 14.57
N LEU A 156 -14.89 0.79 13.68
CA LEU A 156 -14.38 1.70 12.65
C LEU A 156 -14.55 3.16 13.08
N GLY A 157 -13.82 4.07 12.43
CA GLY A 157 -13.98 5.49 12.67
C GLY A 157 -15.24 6.04 12.00
N SER A 158 -15.30 7.37 11.85
CA SER A 158 -16.50 7.99 11.27
CA SER A 158 -16.48 8.04 11.27
C SER A 158 -16.34 8.29 9.79
N GLY A 159 -15.16 8.03 9.22
CA GLY A 159 -14.94 8.19 7.79
C GLY A 159 -14.15 9.42 7.35
N THR A 160 -13.60 9.36 6.13
CA THR A 160 -12.81 10.47 5.60
C THR A 160 -13.67 11.66 5.13
N ALA A 161 -13.02 12.80 4.87
CA ALA A 161 -13.74 14.01 4.46
C ALA A 161 -14.38 13.84 3.09
N LEU A 162 -15.53 14.48 2.91
CA LEU A 162 -16.20 14.57 1.61
C LEU A 162 -16.40 16.03 1.24
N PRO A 163 -16.63 16.30 -0.05
CA PRO A 163 -16.90 17.68 -0.48
C PRO A 163 -18.27 18.18 0.02
N PRO A 164 -18.45 19.50 0.09
CA PRO A 164 -19.78 19.99 0.46
C PRO A 164 -20.79 19.77 -0.68
N GLY A 165 -22.07 19.75 -0.36
CA GLY A 165 -23.11 19.77 -1.37
C GLY A 165 -23.28 21.19 -1.85
N ARG A 166 -24.31 21.42 -2.68
CA ARG A 166 -24.64 22.77 -3.13
C ARG A 166 -26.14 22.87 -3.35
N PRO A 167 -26.68 24.10 -3.27
CA PRO A 167 -28.12 24.30 -3.47
C PRO A 167 -28.54 24.23 -4.93
N GLY A 168 -29.84 24.04 -5.14
CA GLY A 168 -30.40 24.08 -6.47
C GLY A 168 -30.54 22.73 -7.17
N VAL A 169 -30.10 21.63 -6.54
CA VAL A 169 -30.21 20.31 -7.17
C VAL A 169 -31.29 19.42 -6.55
N ALA A 170 -31.45 19.47 -5.22
CA ALA A 170 -32.41 18.58 -4.55
C ALA A 170 -33.83 18.76 -5.10
N GLY A 171 -34.50 17.64 -5.33
N GLY A 171 -34.52 17.65 -5.30
CA GLY A 171 -35.89 17.63 -5.78
CA GLY A 171 -35.90 17.72 -5.74
C GLY A 171 -36.09 17.75 -7.27
C GLY A 171 -36.08 18.36 -7.11
N THR A 172 -35.08 18.23 -7.97
CA THR A 172 -35.22 18.59 -9.38
C THR A 172 -35.00 17.35 -10.26
N SER A 173 -35.42 17.46 -11.53
CA SER A 173 -35.25 16.38 -12.51
C SER A 173 -34.58 16.86 -13.78
N VAL A 174 -34.06 15.92 -14.54
CA VAL A 174 -33.53 16.16 -15.87
C VAL A 174 -34.22 15.26 -16.89
N LEU A 175 -34.35 15.77 -18.10
CA LEU A 175 -35.01 15.07 -19.20
C LEU A 175 -34.06 14.08 -19.90
N VAL A 176 -34.55 12.87 -20.16
CA VAL A 176 -33.82 11.89 -20.97
C VAL A 176 -34.62 11.66 -22.25
N PRO A 177 -34.25 12.37 -23.34
CA PRO A 177 -35.05 12.31 -24.57
C PRO A 177 -35.20 10.88 -25.09
N GLY A 178 -36.36 10.60 -25.66
CA GLY A 178 -36.74 9.24 -26.01
C GLY A 178 -36.05 8.75 -27.25
N GLY A 179 -35.90 7.43 -27.36
CA GLY A 179 -35.39 6.83 -28.58
C GLY A 179 -34.47 5.66 -28.28
N PRO A 180 -33.87 5.09 -29.33
CA PRO A 180 -32.98 3.94 -29.18
C PRO A 180 -31.70 4.29 -28.45
N PHE A 181 -31.19 3.36 -27.68
CA PHE A 181 -29.87 3.49 -27.11
C PHE A 181 -29.30 2.11 -26.91
N VAL A 182 -27.99 2.05 -26.70
CA VAL A 182 -27.29 0.78 -26.55
C VAL A 182 -27.19 0.45 -25.07
N LEU A 183 -27.85 -0.64 -24.70
CA LEU A 183 -27.90 -1.14 -23.33
C LEU A 183 -26.90 -2.27 -23.21
N GLY A 184 -26.16 -2.30 -22.10
CA GLY A 184 -25.18 -3.37 -21.89
C GLY A 184 -23.85 -3.10 -22.56
N VAL A 185 -22.92 -4.05 -22.43
CA VAL A 185 -21.59 -3.92 -23.01
C VAL A 185 -21.08 -5.26 -23.52
N ASP A 186 -20.10 -5.20 -24.43
CA ASP A 186 -19.36 -6.38 -24.87
C ASP A 186 -17.99 -6.44 -24.22
N LEU A 187 -17.41 -7.64 -24.12
CA LEU A 187 -16.10 -7.81 -23.52
C LEU A 187 -15.02 -7.00 -24.24
N ALA A 188 -15.21 -6.75 -25.52
CA ALA A 188 -14.27 -5.91 -26.28
C ALA A 188 -14.19 -4.50 -25.68
N ASP A 189 -15.30 -4.02 -25.14
CA ASP A 189 -15.35 -2.69 -24.52
C ASP A 189 -14.90 -2.73 -23.06
N GLU A 190 -15.35 -3.77 -22.37
CA GLU A 190 -15.12 -3.94 -20.95
C GLU A 190 -14.68 -5.38 -20.71
N PRO A 191 -13.35 -5.61 -20.65
CA PRO A 191 -12.81 -6.98 -20.58
C PRO A 191 -13.26 -7.77 -19.37
N TYR A 192 -13.73 -7.11 -18.31
CA TYR A 192 -14.14 -7.81 -17.10
C TYR A 192 -15.59 -7.53 -16.70
N ALA A 193 -16.43 -7.22 -17.68
CA ALA A 193 -17.87 -7.07 -17.43
C ALA A 193 -18.45 -8.44 -17.10
N LEU A 194 -19.28 -8.50 -16.08
CA LEU A 194 -19.87 -9.76 -15.66
C LEU A 194 -20.96 -10.21 -16.63
N ASP A 195 -21.34 -11.47 -16.56
CA ASP A 195 -22.13 -12.05 -17.64
C ASP A 195 -23.47 -11.35 -17.83
N ASN A 196 -24.08 -10.87 -16.74
CA ASN A 196 -25.42 -10.27 -16.83
C ASN A 196 -25.44 -8.89 -17.48
N GLU A 197 -24.26 -8.34 -17.76
CA GLU A 197 -24.11 -7.03 -18.40
C GLU A 197 -24.07 -7.11 -19.91
N ARG A 198 -23.94 -8.33 -20.43
CA ARG A 198 -23.68 -8.57 -21.86
C ARG A 198 -24.88 -9.24 -22.53
N PRO A 199 -25.02 -9.04 -23.86
CA PRO A 199 -24.20 -8.25 -24.76
C PRO A 199 -24.74 -6.84 -24.95
N ALA A 200 -23.96 -5.97 -25.57
CA ALA A 200 -24.46 -4.67 -25.98
C ALA A 200 -25.56 -4.89 -27.00
N HIS A 201 -26.71 -4.23 -26.82
CA HIS A 201 -27.81 -4.38 -27.77
C HIS A 201 -28.71 -3.15 -27.71
N VAL A 202 -29.49 -2.92 -28.77
CA VAL A 202 -30.32 -1.71 -28.82
C VAL A 202 -31.68 -1.95 -28.18
N VAL A 203 -32.13 -0.95 -27.43
CA VAL A 203 -33.45 -0.91 -26.82
C VAL A 203 -34.05 0.48 -27.04
N ASP A 204 -35.35 0.54 -27.26
CA ASP A 204 -36.05 1.83 -27.39
C ASP A 204 -36.61 2.25 -26.04
N VAL A 205 -36.26 3.45 -25.60
CA VAL A 205 -36.72 3.94 -24.31
C VAL A 205 -37.47 5.24 -24.56
N PRO A 206 -38.78 5.25 -24.30
CA PRO A 206 -39.54 6.50 -24.44
C PRO A 206 -39.01 7.61 -23.53
N ALA A 207 -39.30 8.86 -23.89
CA ALA A 207 -38.86 9.99 -23.08
C ALA A 207 -39.31 9.85 -21.64
N PHE A 208 -38.43 10.21 -20.71
CA PHE A 208 -38.77 10.22 -19.30
C PHE A 208 -37.87 11.23 -18.59
N ARG A 209 -38.20 11.54 -17.35
CA ARG A 209 -37.35 12.37 -16.51
C ARG A 209 -36.83 11.54 -15.35
N ILE A 210 -35.65 11.90 -14.86
CA ILE A 210 -35.04 11.21 -13.73
C ILE A 210 -34.49 12.27 -12.75
N GLY A 211 -34.44 11.92 -11.47
CA GLY A 211 -34.00 12.85 -10.43
C GLY A 211 -32.58 13.30 -10.69
N ARG A 212 -32.31 14.59 -10.52
CA ARG A 212 -30.97 15.12 -10.74
C ARG A 212 -30.00 14.57 -9.69
N VAL A 213 -30.50 14.40 -8.47
CA VAL A 213 -29.78 13.77 -7.38
C VAL A 213 -30.72 12.82 -6.64
N PRO A 214 -30.17 11.93 -5.80
CA PRO A 214 -31.05 11.07 -4.99
C PRO A 214 -31.95 11.84 -4.02
N VAL A 215 -32.99 11.17 -3.54
CA VAL A 215 -33.82 11.65 -2.43
C VAL A 215 -32.99 11.82 -1.17
N THR A 216 -33.16 12.96 -0.48
CA THR A 216 -32.38 13.29 0.71
C THR A 216 -33.08 12.89 2.01
N ASN A 217 -32.30 12.87 3.10
CA ASN A 217 -32.87 12.62 4.42
C ASN A 217 -33.97 13.62 4.78
N ALA A 218 -33.76 14.91 4.50
CA ALA A 218 -34.78 15.89 4.88
C ALA A 218 -36.06 15.66 4.07
N GLU A 219 -35.92 15.23 2.82
CA GLU A 219 -37.09 14.93 1.99
C GLU A 219 -37.81 13.69 2.55
N TRP A 220 -37.04 12.71 3.00
CA TRP A 220 -37.64 11.51 3.57
C TRP A 220 -38.37 11.83 4.87
N ARG A 221 -37.80 12.73 5.67
CA ARG A 221 -38.43 13.14 6.92
C ARG A 221 -39.84 13.73 6.65
N ALA A 222 -39.99 14.42 5.52
CA ALA A 222 -41.28 15.00 5.16
C ALA A 222 -42.33 13.90 4.87
N PHE A 223 -41.88 12.83 4.23
CA PHE A 223 -42.71 11.65 4.00
C PHE A 223 -43.17 11.06 5.34
N ILE A 224 -42.24 10.90 6.29
CA ILE A 224 -42.61 10.40 7.61
C ILE A 224 -43.61 11.34 8.27
N ASP A 225 -43.31 12.64 8.25
CA ASP A 225 -44.13 13.63 8.95
C ASP A 225 -45.54 13.73 8.37
N ASP A 226 -45.71 13.40 7.10
CA ASP A 226 -47.01 13.46 6.47
C ASP A 226 -47.82 12.15 6.63
N GLY A 227 -47.22 11.17 7.31
CA GLY A 227 -47.93 9.92 7.58
C GLY A 227 -47.75 8.90 6.48
N GLY A 228 -46.65 9.01 5.74
CA GLY A 228 -46.34 8.08 4.67
C GLY A 228 -46.36 6.61 5.05
N TYR A 229 -45.85 6.29 6.24
CA TYR A 229 -45.84 4.89 6.71
C TYR A 229 -47.17 4.47 7.35
N ARG A 230 -48.15 5.36 7.37
CA ARG A 230 -49.44 5.07 7.97
C ARG A 230 -50.59 5.10 6.95
N GLN A 231 -50.23 5.31 5.68
CA GLN A 231 -51.19 5.48 4.58
C GLN A 231 -50.97 4.43 3.49
N ARG A 232 -51.83 3.42 3.44
CA ARG A 232 -51.55 2.28 2.60
C ARG A 232 -51.63 2.59 1.10
N ARG A 233 -52.33 3.65 0.72
CA ARG A 233 -52.52 3.92 -0.70
C ARG A 233 -51.20 4.12 -1.47
N TRP A 234 -50.11 4.47 -0.79
CA TRP A 234 -48.83 4.73 -1.48
C TRP A 234 -48.08 3.43 -1.75
N TRP A 235 -48.50 2.37 -1.08
CA TRP A 235 -47.75 1.11 -1.04
C TRP A 235 -48.38 0.06 -1.97
N SER A 236 -47.56 -0.87 -2.47
CA SER A 236 -48.10 -2.03 -3.17
C SER A 236 -48.72 -2.96 -2.14
N ASP A 237 -49.49 -3.95 -2.59
CA ASP A 237 -50.06 -4.94 -1.67
C ASP A 237 -48.98 -5.69 -0.90
N ALA A 238 -47.94 -6.16 -1.59
CA ALA A 238 -46.87 -6.87 -0.90
C ALA A 238 -46.05 -5.92 -0.01
N GLY A 239 -45.93 -4.66 -0.45
CA GLY A 239 -45.12 -3.72 0.29
C GLY A 239 -45.77 -3.35 1.60
N TRP A 240 -47.08 -3.08 1.56
CA TRP A 240 -47.82 -2.78 2.77
C TRP A 240 -47.83 -3.94 3.74
N ALA A 241 -48.03 -5.15 3.22
CA ALA A 241 -48.05 -6.34 4.07
C ALA A 241 -46.72 -6.46 4.80
N TYR A 242 -45.63 -6.18 4.09
CA TYR A 242 -44.32 -6.30 4.70
C TYR A 242 -44.09 -5.17 5.70
N ARG A 243 -44.48 -3.96 5.31
CA ARG A 243 -44.36 -2.82 6.22
C ARG A 243 -45.04 -3.15 7.54
N CYS A 244 -46.21 -3.77 7.46
CA CYS A 244 -46.95 -4.11 8.67
C CYS A 244 -46.26 -5.23 9.46
N GLU A 245 -45.76 -6.24 8.74
CA GLU A 245 -45.16 -7.42 9.38
C GLU A 245 -43.85 -7.06 10.08
N ALA A 246 -43.05 -6.22 9.43
CA ALA A 246 -41.73 -5.83 9.96
C ALA A 246 -41.81 -4.59 10.84
N GLY A 247 -42.97 -3.94 10.88
CA GLY A 247 -43.14 -2.72 11.64
C GLY A 247 -42.22 -1.59 11.18
N LEU A 248 -42.17 -1.35 9.88
CA LEU A 248 -41.36 -0.24 9.34
C LEU A 248 -42.02 1.11 9.62
N THR A 249 -41.24 2.05 10.15
CA THR A 249 -41.75 3.39 10.47
C THR A 249 -40.75 4.48 10.06
N ALA A 250 -39.57 4.07 9.61
CA ALA A 250 -38.50 4.99 9.23
C ALA A 250 -37.37 4.16 8.63
N PRO A 251 -36.39 4.81 7.97
CA PRO A 251 -35.23 4.06 7.49
C PRO A 251 -34.53 3.35 8.64
N GLN A 252 -33.81 2.28 8.35
N GLN A 252 -33.76 2.29 8.38
CA GLN A 252 -33.10 1.58 9.39
CA GLN A 252 -33.39 1.36 9.45
C GLN A 252 -32.02 2.52 9.92
C GLN A 252 -32.62 1.93 10.66
N PHE A 253 -31.76 2.36 11.22
N PHE A 253 -31.64 2.79 10.41
CA PHE A 253 -30.74 3.10 11.96
CA PHE A 253 -30.73 3.22 11.48
C PHE A 253 -31.15 4.53 12.33
C PHE A 253 -31.04 4.61 12.01
N TRP A 254 -32.27 5.04 11.81
CA TRP A 254 -32.81 6.29 12.35
C TRP A 254 -33.38 6.01 13.73
N ASN A 255 -33.00 6.81 14.72
CA ASN A 255 -33.46 6.58 16.10
C ASN A 255 -34.64 7.47 16.46
N PRO A 256 -35.44 7.05 17.47
CA PRO A 256 -36.58 7.85 17.89
C PRO A 256 -36.25 9.32 18.22
N ASP A 257 -35.04 9.59 18.74
CA ASP A 257 -34.69 10.96 19.14
C ASP A 257 -34.16 11.83 18.01
N GLY A 258 -34.26 11.35 16.78
CA GLY A 258 -33.83 12.15 15.63
C GLY A 258 -32.37 11.99 15.25
N THR A 259 -31.61 11.17 15.97
CA THR A 259 -30.25 10.82 15.59
C THR A 259 -30.27 9.57 14.71
N ARG A 260 -29.12 9.21 14.18
CA ARG A 260 -28.93 7.90 13.56
C ARG A 260 -27.68 7.23 14.13
N THR A 261 -27.56 5.92 13.91
CA THR A 261 -26.39 5.18 14.34
C THR A 261 -25.71 4.60 13.11
N ARG A 262 -24.48 5.01 12.88
CA ARG A 262 -23.73 4.68 11.66
C ARG A 262 -22.39 4.09 12.07
N PHE A 263 -22.19 2.81 11.74
CA PHE A 263 -21.04 2.03 12.23
C PHE A 263 -20.80 2.27 13.72
N GLY A 264 -21.90 2.24 14.49
CA GLY A 264 -21.80 2.36 15.93
C GLY A 264 -21.74 3.79 16.46
N HIS A 265 -21.58 4.75 15.57
CA HIS A 265 -21.53 6.17 15.97
C HIS A 265 -22.91 6.78 16.02
N VAL A 266 -23.31 7.31 17.17
CA VAL A 266 -24.56 8.05 17.25
C VAL A 266 -24.33 9.51 16.84
N GLU A 267 -25.10 9.97 15.85
CA GLU A 267 -24.86 11.29 15.26
C GLU A 267 -26.17 11.89 14.74
N ASP A 268 -26.17 13.22 14.56
CA ASP A 268 -27.27 13.89 13.89
C ASP A 268 -27.42 13.37 12.47
N ILE A 269 -28.66 13.35 12.00
CA ILE A 269 -28.96 12.94 10.63
C ILE A 269 -28.69 14.12 9.70
N PRO A 270 -27.73 13.99 8.77
CA PRO A 270 -27.45 15.17 7.93
C PRO A 270 -28.59 15.38 6.92
N PRO A 271 -29.15 16.59 6.85
CA PRO A 271 -30.37 16.75 6.03
C PRO A 271 -30.17 16.54 4.53
N ASP A 272 -28.99 16.84 4.00
CA ASP A 272 -28.78 16.84 2.56
C ASP A 272 -28.09 15.58 2.04
N GLU A 273 -27.79 14.63 2.92
CA GLU A 273 -27.30 13.32 2.47
C GLU A 273 -28.41 12.53 1.80
N PRO A 274 -28.07 11.76 0.74
CA PRO A 274 -29.03 10.78 0.22
C PRO A 274 -29.56 9.87 1.32
N VAL A 275 -30.86 9.62 1.33
CA VAL A 275 -31.42 8.71 2.31
C VAL A 275 -30.82 7.34 2.02
N GLN A 276 -30.61 6.56 3.08
CA GLN A 276 -29.95 5.26 2.99
C GLN A 276 -30.64 4.24 3.89
N HIS A 277 -30.53 2.96 3.55
CA HIS A 277 -31.13 1.85 4.29
C HIS A 277 -32.66 1.90 4.31
N VAL A 278 -33.25 1.97 3.12
CA VAL A 278 -34.68 1.79 2.93
C VAL A 278 -34.90 0.60 1.99
N THR A 279 -36.00 -0.13 2.23
CA THR A 279 -36.41 -1.25 1.40
C THR A 279 -36.89 -0.76 0.04
N TYR A 280 -36.99 -1.68 -0.91
CA TYR A 280 -37.64 -1.42 -2.18
C TYR A 280 -39.07 -0.93 -1.99
N PHE A 281 -39.76 -1.56 -1.05
CA PHE A 281 -41.15 -1.23 -0.78
C PHE A 281 -41.31 0.21 -0.26
N GLU A 282 -40.40 0.62 0.64
CA GLU A 282 -40.35 2.02 1.09
C GLU A 282 -40.06 2.97 -0.06
N ALA A 283 -39.08 2.61 -0.89
CA ALA A 283 -38.73 3.44 -2.04
C ALA A 283 -39.93 3.67 -2.97
N GLU A 284 -40.69 2.64 -3.30
CA GLU A 284 -41.78 2.83 -4.26
C GLU A 284 -42.90 3.61 -3.59
N ALA A 285 -43.02 3.50 -2.28
CA ALA A 285 -44.07 4.23 -1.57
C ALA A 285 -43.73 5.72 -1.49
N TYR A 286 -42.49 6.03 -1.13
CA TYR A 286 -42.04 7.41 -1.13
C TYR A 286 -42.27 8.02 -2.53
N ALA A 287 -41.88 7.29 -3.55
CA ALA A 287 -42.00 7.78 -4.93
C ALA A 287 -43.44 8.12 -5.28
N ALA A 288 -44.36 7.23 -4.94
CA ALA A 288 -45.79 7.47 -5.21
C ALA A 288 -46.29 8.68 -4.43
N TRP A 289 -45.95 8.77 -3.15
CA TRP A 289 -46.36 9.89 -2.31
C TRP A 289 -45.83 11.23 -2.86
N ALA A 290 -44.64 11.19 -3.46
CA ALA A 290 -43.98 12.37 -4.00
C ALA A 290 -44.48 12.79 -5.39
N GLY A 291 -45.35 11.98 -5.99
CA GLY A 291 -45.89 12.26 -7.32
C GLY A 291 -45.08 11.67 -8.46
N ALA A 292 -44.26 10.68 -8.14
CA ALA A 292 -43.31 10.10 -9.08
C ALA A 292 -43.40 8.56 -9.13
N ARG A 293 -42.33 7.92 -9.59
CA ARG A 293 -42.20 6.47 -9.55
C ARG A 293 -40.71 6.12 -9.51
N LEU A 294 -40.41 4.83 -9.44
CA LEU A 294 -39.03 4.36 -9.58
C LEU A 294 -38.68 4.22 -11.05
N PRO A 295 -37.39 4.42 -11.38
CA PRO A 295 -36.94 4.12 -12.74
C PRO A 295 -36.86 2.62 -12.98
N THR A 296 -37.00 2.18 -14.24
CA THR A 296 -36.58 0.83 -14.62
C THR A 296 -35.06 0.87 -14.67
N GLU A 297 -34.41 -0.29 -14.63
CA GLU A 297 -32.95 -0.29 -14.70
C GLU A 297 -32.47 0.16 -16.09
N ILE A 298 -33.33 -0.04 -17.09
CA ILE A 298 -32.98 0.32 -18.46
C ILE A 298 -33.02 1.85 -18.59
N GLU A 299 -34.07 2.47 -18.04
CA GLU A 299 -34.08 3.92 -17.93
C GLU A 299 -32.86 4.43 -17.18
N TRP A 300 -32.52 3.75 -16.09
CA TRP A 300 -31.42 4.20 -15.24
C TRP A 300 -30.13 4.20 -16.06
N GLU A 301 -29.86 3.10 -16.75
CA GLU A 301 -28.62 2.97 -17.51
C GLU A 301 -28.55 3.98 -18.67
N LYS A 302 -29.68 4.27 -19.33
CA LYS A 302 -29.67 5.27 -20.40
C LYS A 302 -29.32 6.66 -19.83
N ALA A 303 -29.92 7.01 -18.70
CA ALA A 303 -29.64 8.28 -18.04
C ALA A 303 -28.16 8.39 -17.64
N CYS A 304 -27.59 7.26 -17.23
CA CYS A 304 -26.19 7.24 -16.79
C CYS A 304 -25.21 7.34 -17.95
N ALA A 305 -25.38 6.48 -18.95
CA ALA A 305 -24.36 6.22 -19.96
C ALA A 305 -24.56 6.87 -21.34
N TRP A 306 -25.78 7.20 -21.72
CA TRP A 306 -26.05 7.64 -23.09
C TRP A 306 -25.82 9.14 -23.25
N ASP A 307 -25.18 9.52 -24.35
CA ASP A 307 -24.97 10.92 -24.70
C ASP A 307 -25.81 11.26 -25.94
N PRO A 308 -26.96 11.92 -25.73
CA PRO A 308 -27.88 12.17 -26.85
C PRO A 308 -27.34 13.14 -27.88
N ALA A 309 -26.31 13.91 -27.53
CA ALA A 309 -25.72 14.87 -28.46
C ALA A 309 -24.87 14.16 -29.49
N THR A 310 -24.31 13.01 -29.12
CA THR A 310 -23.40 12.26 -30.00
C THR A 310 -23.92 10.87 -30.39
N GLY A 311 -25.08 10.49 -29.87
CA GLY A 311 -25.60 9.15 -30.11
C GLY A 311 -24.61 8.05 -29.75
N ARG A 312 -23.90 8.23 -28.64
CA ARG A 312 -22.89 7.28 -28.19
C ARG A 312 -23.00 7.00 -26.70
N ARG A 313 -22.57 5.81 -26.27
CA ARG A 313 -22.35 5.51 -24.87
C ARG A 313 -21.06 6.13 -24.38
N ARG A 314 -21.08 6.63 -23.14
CA ARG A 314 -19.87 7.01 -22.42
C ARG A 314 -19.44 5.84 -21.53
N ARG A 315 -18.15 5.75 -21.24
CA ARG A 315 -17.65 4.72 -20.34
C ARG A 315 -18.16 4.95 -18.91
N TYR A 316 -18.15 6.21 -18.48
CA TYR A 316 -18.68 6.62 -17.19
C TYR A 316 -19.61 7.80 -17.45
N PRO A 317 -20.46 8.18 -16.47
CA PRO A 317 -21.40 9.27 -16.79
C PRO A 317 -20.69 10.52 -17.32
N TRP A 318 -19.49 10.80 -16.79
CA TRP A 318 -18.76 12.03 -17.12
C TRP A 318 -17.92 11.94 -18.40
N GLY A 319 -17.71 10.74 -18.92
CA GLY A 319 -16.78 10.56 -20.03
C GLY A 319 -15.94 9.34 -19.78
N ASP A 320 -14.69 9.34 -20.26
CA ASP A 320 -13.88 8.12 -20.16
C ASP A 320 -12.79 8.18 -19.10
N ALA A 321 -12.65 9.31 -18.41
CA ALA A 321 -11.65 9.44 -17.36
C ALA A 321 -11.90 8.42 -16.24
N ALA A 322 -10.83 7.82 -15.72
CA ALA A 322 -10.95 6.92 -14.58
C ALA A 322 -11.57 7.67 -13.41
N PRO A 323 -12.40 6.99 -12.60
CA PRO A 323 -12.95 7.66 -11.42
C PRO A 323 -11.88 8.21 -10.49
N THR A 324 -12.15 9.37 -9.91
CA THR A 324 -11.28 9.98 -8.93
C THR A 324 -12.14 10.50 -7.79
N ALA A 325 -11.49 10.96 -6.73
CA ALA A 325 -12.20 11.52 -5.58
C ALA A 325 -12.94 12.80 -5.95
N ALA A 326 -12.53 13.45 -7.03
CA ALA A 326 -13.20 14.67 -7.49
C ALA A 326 -14.47 14.37 -8.28
N LEU A 327 -14.56 13.16 -8.84
CA LEU A 327 -15.68 12.82 -9.70
C LEU A 327 -16.79 12.06 -8.98
N ALA A 328 -16.43 11.25 -7.99
CA ALA A 328 -17.39 10.39 -7.31
C ALA A 328 -16.91 9.93 -5.94
N ASN A 329 -17.87 9.50 -5.12
CA ASN A 329 -17.61 8.94 -3.80
C ASN A 329 -17.65 7.41 -3.83
N LEU A 330 -16.46 6.80 -3.88
CA LEU A 330 -16.29 5.35 -4.05
C LEU A 330 -15.18 4.83 -3.16
N GLY A 331 -15.11 3.50 -2.98
CA GLY A 331 -13.91 2.89 -2.43
C GLY A 331 -13.95 2.53 -0.96
N GLY A 332 -15.00 2.93 -0.26
CA GLY A 332 -15.20 2.56 1.13
C GLY A 332 -14.75 3.51 2.24
N ASP A 333 -13.89 4.48 1.95
CA ASP A 333 -13.26 5.24 3.06
C ASP A 333 -14.20 6.23 3.76
N ALA A 334 -15.24 6.71 3.07
CA ALA A 334 -16.11 7.72 3.68
C ALA A 334 -17.12 7.12 4.67
N LEU A 335 -17.48 5.85 4.48
CA LEU A 335 -18.42 5.16 5.37
C LEU A 335 -19.79 5.84 5.37
N ARG A 336 -20.08 6.62 4.32
CA ARG A 336 -21.34 7.35 4.17
C ARG A 336 -21.42 7.95 2.77
N PRO A 337 -22.64 8.24 2.28
CA PRO A 337 -22.81 9.02 1.04
C PRO A 337 -22.54 10.51 1.26
N ALA A 338 -22.20 11.22 0.18
CA ALA A 338 -21.94 12.66 0.21
C ALA A 338 -23.23 13.47 0.06
N PRO A 339 -23.25 14.71 0.59
CA PRO A 339 -24.40 15.59 0.39
C PRO A 339 -24.73 15.78 -1.09
N VAL A 340 -26.01 15.90 -1.43
CA VAL A 340 -26.35 16.05 -2.83
C VAL A 340 -25.77 17.33 -3.41
N GLY A 341 -25.25 17.20 -4.63
CA GLY A 341 -24.64 18.31 -5.33
C GLY A 341 -23.13 18.42 -5.14
N ALA A 342 -22.55 17.46 -4.42
CA ALA A 342 -21.12 17.48 -4.10
C ALA A 342 -20.20 17.15 -5.28
N TYR A 343 -20.75 16.59 -6.35
CA TYR A 343 -19.93 16.15 -7.50
C TYR A 343 -20.43 16.66 -8.86
N PRO A 344 -20.43 17.98 -9.08
CA PRO A 344 -20.94 18.50 -10.35
C PRO A 344 -20.20 17.95 -11.57
N ALA A 345 -18.91 17.66 -11.43
CA ALA A 345 -18.10 17.20 -12.57
C ALA A 345 -18.40 15.73 -12.91
N GLY A 346 -19.11 15.03 -12.03
CA GLY A 346 -19.43 13.64 -12.23
C GLY A 346 -20.78 13.43 -12.92
N ALA A 347 -21.40 14.51 -13.37
CA ALA A 347 -22.73 14.44 -13.99
C ALA A 347 -22.74 13.64 -15.29
N SER A 348 -23.85 12.95 -15.56
CA SER A 348 -24.07 12.30 -16.85
C SER A 348 -24.34 13.33 -17.94
N ALA A 349 -24.40 12.89 -19.20
CA ALA A 349 -24.68 13.80 -20.30
C ALA A 349 -26.04 14.50 -20.15
N CYS A 350 -27.03 13.84 -19.57
CA CYS A 350 -28.33 14.50 -19.40
C CYS A 350 -28.38 15.37 -18.12
N GLY A 351 -27.29 15.37 -17.35
CA GLY A 351 -27.19 16.17 -16.14
C GLY A 351 -27.49 15.46 -14.81
N ALA A 352 -27.76 14.16 -14.83
CA ALA A 352 -27.99 13.42 -13.58
C ALA A 352 -26.68 13.26 -12.82
N GLU A 353 -26.68 13.67 -11.55
CA GLU A 353 -25.46 13.65 -10.73
C GLU A 353 -25.44 12.53 -9.70
N GLN A 354 -24.23 12.11 -9.33
CA GLN A 354 -24.00 11.07 -8.33
C GLN A 354 -24.64 9.73 -8.70
N MET A 355 -24.71 9.46 -10.00
CA MET A 355 -25.22 8.18 -10.49
CA MET A 355 -25.25 8.18 -10.44
C MET A 355 -24.29 7.05 -10.05
N LEU A 356 -22.98 7.31 -10.12
CA LEU A 356 -21.98 6.36 -9.63
C LEU A 356 -21.53 6.75 -8.23
N GLY A 357 -21.50 5.76 -7.34
CA GLY A 357 -21.09 5.96 -5.96
C GLY A 357 -22.23 6.49 -5.10
N ASP A 358 -21.92 6.79 -3.84
CA ASP A 358 -22.86 7.29 -2.82
C ASP A 358 -23.87 6.21 -2.39
N VAL A 359 -25.00 6.02 -3.07
CA VAL A 359 -25.90 4.94 -2.68
C VAL A 359 -26.31 4.08 -3.88
N TRP A 360 -26.41 2.77 -3.66
CA TRP A 360 -27.11 1.90 -4.59
C TRP A 360 -28.55 2.41 -4.77
N GLU A 361 -29.03 2.44 -6.01
CA GLU A 361 -30.35 3.01 -6.29
C GLU A 361 -31.33 1.92 -6.74
N TRP A 362 -32.42 1.78 -6.00
CA TRP A 362 -33.47 0.82 -6.36
C TRP A 362 -34.06 1.09 -7.74
N THR A 363 -34.30 0.02 -8.50
CA THR A 363 -35.08 0.11 -9.73
C THR A 363 -36.27 -0.85 -9.66
N SER A 364 -37.24 -0.65 -10.53
CA SER A 364 -38.41 -1.53 -10.56
C SER A 364 -38.18 -2.81 -11.36
N SER A 365 -36.97 -3.01 -11.87
CA SER A 365 -36.72 -4.17 -12.74
C SER A 365 -36.29 -5.42 -11.95
N PRO A 366 -36.94 -6.56 -12.20
CA PRO A 366 -36.37 -7.83 -11.75
C PRO A 366 -35.11 -8.16 -12.56
N LEU A 367 -34.22 -9.01 -12.05
CA LEU A 367 -33.06 -9.44 -12.81
C LEU A 367 -33.51 -10.32 -13.97
N ARG A 368 -33.09 -9.95 -15.17
CA ARG A 368 -33.41 -10.72 -16.37
C ARG A 368 -32.21 -10.72 -17.30
N PRO A 369 -32.03 -11.80 -18.06
CA PRO A 369 -30.90 -11.81 -19.00
C PRO A 369 -31.13 -10.87 -20.16
N TRP A 370 -30.11 -10.15 -20.62
CA TRP A 370 -30.26 -9.45 -21.89
C TRP A 370 -30.35 -10.51 -23.00
N PRO A 371 -31.01 -10.19 -24.13
CA PRO A 371 -31.02 -11.17 -25.22
C PRO A 371 -29.60 -11.49 -25.67
N GLY A 372 -29.27 -12.77 -25.81
CA GLY A 372 -27.91 -13.17 -26.13
C GLY A 372 -27.03 -13.44 -24.91
N PHE A 373 -27.61 -13.34 -23.72
CA PHE A 373 -26.90 -13.66 -22.49
C PHE A 373 -26.27 -15.04 -22.57
N THR A 374 -25.04 -15.16 -22.08
CA THR A 374 -24.41 -16.46 -21.89
C THR A 374 -23.61 -16.41 -20.60
N PRO A 375 -23.67 -17.47 -19.79
CA PRO A 375 -23.06 -17.39 -18.46
C PRO A 375 -21.52 -17.37 -18.49
N MET A 376 -20.91 -16.72 -17.51
CA MET A 376 -19.46 -16.80 -17.36
C MET A 376 -19.11 -18.09 -16.60
N ILE A 377 -17.82 -18.32 -16.39
CA ILE A 377 -17.33 -19.56 -15.80
C ILE A 377 -18.04 -19.90 -14.48
N TYR A 378 -18.31 -18.85 -13.71
CA TYR A 378 -19.15 -18.95 -12.52
C TYR A 378 -20.62 -18.90 -12.97
N GLN A 379 -21.12 -20.05 -13.41
CA GLN A 379 -22.40 -20.10 -14.11
C GLN A 379 -23.58 -19.77 -13.21
N ARG A 380 -23.43 -20.03 -11.91
CA ARG A 380 -24.51 -19.76 -10.96
C ARG A 380 -24.44 -18.36 -10.34
N TYR A 381 -23.63 -17.46 -10.91
CA TYR A 381 -23.53 -16.10 -10.38
C TYR A 381 -24.82 -15.31 -10.62
N SER A 382 -25.37 -15.38 -11.83
CA SER A 382 -26.59 -14.63 -12.20
C SER A 382 -27.83 -15.50 -12.36
N GLN A 383 -27.67 -16.59 -13.11
CA GLN A 383 -28.80 -17.40 -13.60
C GLN A 383 -29.85 -17.81 -12.54
N PRO A 384 -29.42 -18.22 -11.35
CA PRO A 384 -30.43 -18.69 -10.39
C PRO A 384 -31.38 -17.61 -9.91
N PHE A 385 -31.06 -16.34 -10.17
CA PHE A 385 -31.79 -15.22 -9.60
C PHE A 385 -32.60 -14.46 -10.64
N PHE A 386 -32.57 -14.95 -11.87
CA PHE A 386 -33.42 -14.39 -12.92
C PHE A 386 -34.89 -14.55 -12.51
N GLU A 387 -35.72 -13.64 -12.99
CA GLU A 387 -37.15 -13.71 -12.72
C GLU A 387 -37.70 -15.08 -13.12
N GLY A 388 -38.40 -15.72 -12.19
CA GLY A 388 -39.02 -17.00 -12.45
C GLY A 388 -38.12 -18.21 -12.27
N ALA A 389 -36.84 -17.98 -11.99
CA ALA A 389 -35.88 -19.09 -11.93
C ALA A 389 -36.03 -19.92 -10.66
N GLY A 390 -36.87 -19.47 -9.72
CA GLY A 390 -37.22 -20.29 -8.57
C GLY A 390 -36.54 -19.91 -7.27
N SER A 391 -35.87 -18.75 -7.25
CA SER A 391 -35.16 -18.30 -6.05
CA SER A 391 -35.17 -18.29 -6.05
C SER A 391 -35.91 -17.16 -5.36
N GLY A 392 -37.09 -16.83 -5.85
CA GLY A 392 -37.90 -15.78 -5.23
C GLY A 392 -37.82 -14.46 -5.96
N ASP A 393 -38.22 -13.39 -5.28
CA ASP A 393 -38.34 -12.07 -5.91
C ASP A 393 -37.11 -11.22 -5.66
N TYR A 394 -36.59 -10.64 -6.74
CA TYR A 394 -35.50 -9.69 -6.65
C TYR A 394 -35.79 -8.44 -7.45
N ARG A 395 -35.19 -7.34 -7.02
CA ARG A 395 -35.19 -6.10 -7.78
C ARG A 395 -33.74 -5.65 -7.95
N VAL A 396 -33.46 -5.07 -9.12
CA VAL A 396 -32.11 -4.63 -9.46
C VAL A 396 -31.80 -3.26 -8.86
N LEU A 397 -30.55 -3.10 -8.41
CA LEU A 397 -30.05 -1.81 -7.93
C LEU A 397 -28.86 -1.41 -8.77
N ARG A 398 -28.72 -0.11 -9.02
CA ARG A 398 -27.71 0.40 -9.93
C ARG A 398 -26.80 1.45 -9.32
N GLY A 399 -25.61 1.59 -9.91
CA GLY A 399 -24.78 2.76 -9.71
C GLY A 399 -23.70 2.66 -8.66
N GLY A 400 -23.79 1.64 -7.81
CA GLY A 400 -22.82 1.48 -6.74
C GLY A 400 -23.09 2.41 -5.59
N SER A 401 -22.41 2.16 -4.48
CA SER A 401 -22.50 2.96 -3.27
C SER A 401 -21.14 3.53 -2.93
N TRP A 402 -21.06 4.27 -1.83
CA TRP A 402 -19.79 4.79 -1.30
C TRP A 402 -18.80 3.67 -0.99
N ALA A 403 -19.33 2.46 -0.80
CA ALA A 403 -18.53 1.30 -0.43
C ALA A 403 -17.96 0.50 -1.60
N VAL A 404 -18.33 0.85 -2.83
CA VAL A 404 -17.92 0.04 -4.00
C VAL A 404 -16.58 0.50 -4.57
N ALA A 405 -15.71 -0.48 -4.87
CA ALA A 405 -14.41 -0.16 -5.48
C ALA A 405 -14.58 0.32 -6.92
N ALA A 406 -13.90 1.41 -7.26
CA ALA A 406 -14.00 2.00 -8.60
C ALA A 406 -13.63 0.96 -9.66
N ASP A 407 -12.61 0.17 -9.35
CA ASP A 407 -12.12 -0.91 -10.21
C ASP A 407 -13.20 -1.85 -10.73
N ILE A 408 -14.25 -2.05 -9.94
CA ILE A 408 -15.22 -3.09 -10.32
C ILE A 408 -16.57 -2.52 -10.77
N LEU A 409 -16.64 -1.20 -10.94
CA LEU A 409 -17.93 -0.54 -11.23
C LEU A 409 -18.03 0.06 -12.64
N ARG A 410 -19.19 -0.12 -13.25
CA ARG A 410 -19.50 0.39 -14.59
C ARG A 410 -20.98 0.77 -14.60
N PRO A 411 -21.38 1.70 -15.50
CA PRO A 411 -22.81 1.99 -15.69
C PRO A 411 -23.65 0.73 -15.93
N SER A 412 -23.06 -0.27 -16.59
CA SER A 412 -23.79 -1.50 -16.91
C SER A 412 -23.85 -2.51 -15.76
N PHE A 413 -23.11 -2.26 -14.67
CA PHE A 413 -23.10 -3.20 -13.56
C PHE A 413 -24.49 -3.36 -12.93
N ARG A 414 -24.86 -4.59 -12.60
CA ARG A 414 -26.16 -4.91 -12.04
C ARG A 414 -26.08 -5.60 -10.68
N ASN A 415 -26.58 -4.92 -9.65
CA ASN A 415 -26.75 -5.50 -8.32
C ASN A 415 -28.20 -5.94 -8.25
N TRP A 416 -28.54 -6.82 -7.32
CA TRP A 416 -29.94 -7.18 -7.10
C TRP A 416 -30.11 -7.68 -5.68
N ASP A 417 -31.34 -7.61 -5.16
CA ASP A 417 -31.60 -8.14 -3.84
C ASP A 417 -33.08 -8.32 -3.61
N HIS A 418 -33.43 -9.06 -2.56
CA HIS A 418 -34.84 -9.20 -2.22
C HIS A 418 -35.37 -7.81 -1.84
N PRO A 419 -36.62 -7.50 -2.20
CA PRO A 419 -37.14 -6.16 -1.88
C PRO A 419 -37.25 -5.84 -0.39
N ILE A 420 -37.22 -6.84 0.49
CA ILE A 420 -37.30 -6.63 1.93
C ILE A 420 -35.95 -6.26 2.59
N ARG A 421 -34.88 -6.20 1.82
CA ARG A 421 -33.56 -5.94 2.39
C ARG A 421 -33.29 -4.44 2.43
N ARG A 422 -32.79 -3.96 3.57
CA ARG A 422 -32.35 -2.57 3.67
C ARG A 422 -31.09 -2.38 4.51
N GLN A 423 -30.44 -3.46 4.94
CA GLN A 423 -29.16 -3.29 5.62
C GLN A 423 -28.07 -2.96 4.58
N ILE A 424 -28.39 -3.24 3.32
CA ILE A 424 -27.54 -2.84 2.20
C ILE A 424 -27.50 -1.30 2.11
N PHE A 425 -26.50 -0.76 1.42
CA PHE A 425 -26.29 0.68 1.36
C PHE A 425 -27.06 1.25 0.17
N ALA A 426 -28.38 1.27 0.35
CA ALA A 426 -29.31 1.53 -0.75
C ALA A 426 -30.18 2.74 -0.47
N GLY A 427 -30.42 3.51 -1.52
CA GLY A 427 -31.28 4.67 -1.46
C GLY A 427 -32.20 4.75 -2.68
N VAL A 428 -32.65 5.97 -2.99
CA VAL A 428 -33.71 6.19 -3.98
C VAL A 428 -33.43 7.36 -4.90
N ARG A 429 -33.60 7.14 -6.20
CA ARG A 429 -33.67 8.21 -7.21
C ARG A 429 -35.01 8.10 -7.93
N LEU A 430 -35.71 9.23 -8.05
CA LEU A 430 -37.05 9.22 -8.64
C LEU A 430 -37.05 9.26 -10.16
N ALA A 431 -38.17 8.87 -10.76
CA ALA A 431 -38.38 8.98 -12.20
C ALA A 431 -39.82 9.40 -12.47
N TRP A 432 -40.07 9.89 -13.67
CA TRP A 432 -41.41 10.34 -14.09
C TRP A 432 -41.66 10.06 -15.57
N ASP A 433 -42.87 9.67 -15.91
CA ASP A 433 -43.30 9.66 -17.30
C ASP A 433 -43.31 11.06 -17.91
N VAL A 434 -43.12 11.10 -19.23
CA VAL A 434 -43.28 12.32 -20.01
C VAL A 434 -44.37 12.11 -21.03
N ASP A 435 -45.36 13.01 -21.04
CA ASP A 435 -46.46 12.94 -21.99
C ASP A 435 -46.06 13.60 -23.30
N HIS B 9 33.98 25.34 -2.52
CA HIS B 9 33.03 26.45 -2.57
C HIS B 9 32.18 26.51 -1.30
N ARG B 10 32.01 27.73 -0.77
CA ARG B 10 31.16 27.95 0.41
C ARG B 10 29.69 27.98 0.01
N ALA B 11 29.43 28.17 -1.28
CA ALA B 11 28.08 28.20 -1.80
C ALA B 11 27.60 26.76 -1.97
N GLU B 12 28.54 25.90 -2.36
CA GLU B 12 28.27 24.48 -2.50
C GLU B 12 27.89 23.84 -1.16
N LEU B 13 28.68 24.11 -0.12
CA LEU B 13 28.39 23.59 1.21
C LEU B 13 27.02 24.06 1.70
N ALA B 14 26.71 25.31 1.44
CA ALA B 14 25.41 25.86 1.81
C ALA B 14 24.29 25.09 1.11
N ARG B 15 24.48 24.87 -0.19
CA ARG B 15 23.58 24.06 -1.00
C ARG B 15 23.35 22.68 -0.37
N GLN B 16 24.44 22.01 -0.01
CA GLN B 16 24.32 20.66 0.55
C GLN B 16 23.60 20.67 1.89
N LEU B 17 23.88 21.68 2.73
CA LEU B 17 23.22 21.77 4.03
C LEU B 17 21.73 22.01 3.86
N ILE B 18 21.39 22.93 2.96
CA ILE B 18 20.00 23.28 2.71
C ILE B 18 19.23 22.08 2.14
N ASP B 19 19.82 21.40 1.16
CA ASP B 19 19.18 20.23 0.56
C ASP B 19 18.96 19.13 1.60
N ALA B 20 19.93 18.96 2.49
CA ALA B 20 19.82 17.96 3.55
C ALA B 20 18.67 18.30 4.49
N ARG B 21 18.55 19.58 4.85
CA ARG B 21 17.51 19.97 5.79
C ARG B 21 16.13 19.87 5.13
N ASN B 22 16.03 20.17 3.84
CA ASN B 22 14.78 19.99 3.10
C ASN B 22 14.36 18.53 3.15
N ARG B 23 15.33 17.63 3.01
CA ARG B 23 15.06 16.21 3.06
C ARG B 23 14.52 15.81 4.43
N THR B 24 15.20 16.22 5.49
CA THR B 24 14.77 15.93 6.85
C THR B 24 13.34 16.42 7.10
N LEU B 25 13.04 17.63 6.66
CA LEU B 25 11.72 18.22 6.92
C LEU B 25 10.59 17.51 6.14
N ARG B 26 10.92 16.94 4.99
CA ARG B 26 9.94 16.11 4.28
C ARG B 26 9.65 14.85 5.09
N LEU B 27 10.71 14.27 5.64
CA LEU B 27 10.58 13.01 6.39
C LEU B 27 9.86 13.18 7.74
N VAL B 28 9.67 14.42 8.18
CA VAL B 28 8.87 14.69 9.39
C VAL B 28 7.65 15.54 9.07
N ASP B 29 7.27 15.58 7.80
CA ASP B 29 6.09 16.32 7.38
C ASP B 29 4.83 15.49 7.60
N PHE B 30 4.59 15.12 8.87
CA PHE B 30 3.41 14.34 9.25
C PHE B 30 2.87 14.84 10.58
N ASP B 31 1.69 14.33 10.97
CA ASP B 31 1.06 14.74 12.23
C ASP B 31 1.99 14.53 13.42
N ASP B 32 1.77 15.31 14.47
CA ASP B 32 2.56 15.19 15.69
C ASP B 32 2.54 13.76 16.24
N ALA B 33 1.37 13.12 16.17
CA ALA B 33 1.20 11.78 16.71
C ALA B 33 2.09 10.76 15.97
N GLU B 34 2.18 10.89 14.65
CA GLU B 34 3.08 10.04 13.86
C GLU B 34 4.52 10.19 14.31
N LEU B 35 4.95 11.44 14.50
CA LEU B 35 6.35 11.74 14.78
C LEU B 35 6.75 11.25 16.16
N ARG B 36 5.75 11.07 17.03
CA ARG B 36 5.98 10.64 18.40
C ARG B 36 5.90 9.13 18.56
N ARG B 37 5.39 8.45 17.54
CA ARG B 37 5.18 6.99 17.61
C ARG B 37 6.49 6.21 17.62
N GLN B 38 6.50 5.10 18.35
CA GLN B 38 7.54 4.09 18.18
C GLN B 38 7.04 3.04 17.20
N TYR B 39 7.55 3.06 15.98
CA TYR B 39 7.17 2.09 14.96
C TYR B 39 7.72 0.71 15.25
N ASP B 40 8.89 0.66 15.86
CA ASP B 40 9.56 -0.59 16.21
C ASP B 40 10.55 -0.27 17.34
N PRO B 41 10.64 -1.14 18.36
CA PRO B 41 11.55 -0.90 19.49
C PRO B 41 13.02 -0.67 19.08
N LEU B 42 13.39 -1.09 17.87
CA LEU B 42 14.74 -0.85 17.34
C LEU B 42 15.00 0.60 16.94
N MET B 43 13.92 1.37 16.75
CA MET B 43 14.02 2.70 16.14
C MET B 43 13.50 3.82 17.04
N SER B 44 14.18 4.97 17.01
CA SER B 44 13.71 6.17 17.69
C SER B 44 12.42 6.69 17.07
N PRO B 45 11.60 7.39 17.87
CA PRO B 45 10.53 8.18 17.24
C PRO B 45 11.17 9.19 16.29
N LEU B 46 10.50 9.55 15.21
CA LEU B 46 11.08 10.47 14.24
C LEU B 46 11.42 11.82 14.89
N VAL B 47 10.63 12.24 15.87
CA VAL B 47 10.84 13.53 16.51
C VAL B 47 12.15 13.56 17.30
N TRP B 48 12.66 12.38 17.64
CA TRP B 48 13.95 12.29 18.33
C TRP B 48 15.10 12.60 17.37
N ASP B 49 15.10 11.95 16.21
CA ASP B 49 16.15 12.20 15.23
C ASP B 49 16.13 13.66 14.80
N LEU B 50 14.94 14.22 14.66
CA LEU B 50 14.80 15.62 14.24
C LEU B 50 15.59 16.55 15.16
N ALA B 51 15.32 16.48 16.45
CA ALA B 51 16.01 17.33 17.42
C ALA B 51 17.48 16.95 17.52
N HIS B 52 17.76 15.64 17.43
CA HIS B 52 19.13 15.14 17.50
C HIS B 52 19.99 15.72 16.37
N ILE B 53 19.41 15.82 15.19
CA ILE B 53 20.09 16.42 14.03
C ILE B 53 20.49 17.86 14.36
N GLY B 54 19.54 18.63 14.88
CA GLY B 54 19.83 20.00 15.25
C GLY B 54 20.87 20.11 16.36
N GLN B 55 20.80 19.19 17.32
CA GLN B 55 21.69 19.24 18.48
C GLN B 55 23.12 18.97 18.04
N GLN B 56 23.29 18.02 17.13
CA GLN B 56 24.61 17.68 16.61
C GLN B 56 25.19 18.81 15.75
N GLU B 57 24.35 19.40 14.90
CA GLU B 57 24.78 20.53 14.08
C GLU B 57 25.26 21.69 14.97
N GLU B 58 24.51 22.00 16.02
CA GLU B 58 24.91 23.04 16.96
C GLU B 58 26.25 22.70 17.61
N LEU B 59 26.38 21.46 18.07
CA LEU B 59 27.57 21.05 18.80
C LEU B 59 28.83 21.18 17.95
N TRP B 60 28.81 20.62 16.76
CA TRP B 60 30.01 20.55 15.92
C TRP B 60 30.29 21.84 15.16
N LEU B 61 29.27 22.67 14.94
CA LEU B 61 29.45 23.88 14.12
C LEU B 61 29.42 25.19 14.91
N LEU B 62 28.62 25.25 15.98
CA LEU B 62 28.47 26.49 16.73
C LEU B 62 29.17 26.41 18.09
N ARG B 63 29.46 25.20 18.56
CA ARG B 63 30.06 25.03 19.89
C ARG B 63 31.46 24.39 19.83
N GLY B 64 32.04 24.32 18.63
CA GLY B 64 33.39 23.82 18.46
C GLY B 64 33.60 22.42 19.02
N GLY B 65 32.51 21.66 19.08
CA GLY B 65 32.55 20.32 19.62
C GLY B 65 32.80 20.26 21.11
N ASP B 66 32.81 21.42 21.76
CA ASP B 66 33.08 21.52 23.19
C ASP B 66 31.77 21.66 23.97
N PRO B 67 31.35 20.59 24.69
CA PRO B 67 30.09 20.68 25.42
C PRO B 67 30.13 21.69 26.55
N ARG B 68 31.34 22.09 26.95
CA ARG B 68 31.51 23.09 28.00
C ARG B 68 31.06 24.46 27.50
N ARG B 69 30.98 24.63 26.18
CA ARG B 69 30.51 25.88 25.60
C ARG B 69 28.99 25.90 25.57
N PRO B 70 28.38 27.08 25.76
CA PRO B 70 26.91 27.14 25.91
C PRO B 70 26.15 26.72 24.67
N GLY B 71 25.04 26.00 24.88
CA GLY B 71 24.11 25.66 23.82
C GLY B 71 22.76 26.29 24.09
N LEU B 72 21.85 26.22 23.11
CA LEU B 72 20.54 26.84 23.25
C LEU B 72 19.64 26.08 24.23
N LEU B 73 19.86 24.78 24.36
CA LEU B 73 19.07 23.94 25.26
C LEU B 73 19.69 23.83 26.65
N GLU B 74 18.85 23.70 27.67
CA GLU B 74 19.34 23.34 28.99
C GLU B 74 20.06 22.00 28.86
N PRO B 75 21.18 21.82 29.59
CA PRO B 75 21.94 20.56 29.57
C PRO B 75 21.06 19.31 29.76
N ALA B 76 20.11 19.37 30.68
CA ALA B 76 19.24 18.23 30.97
C ALA B 76 18.38 17.87 29.75
N VAL B 77 17.94 18.89 29.02
CA VAL B 77 17.15 18.70 27.81
C VAL B 77 18.04 18.17 26.69
N GLU B 78 19.21 18.78 26.52
CA GLU B 78 20.14 18.37 25.47
C GLU B 78 20.50 16.89 25.58
N GLN B 79 20.67 16.41 26.80
CA GLN B 79 21.13 15.05 27.04
C GLN B 79 20.10 14.01 26.67
N LEU B 80 18.85 14.43 26.45
CA LEU B 80 17.83 13.51 25.96
C LEU B 80 18.20 12.95 24.59
N TYR B 81 19.09 13.66 23.89
CA TYR B 81 19.44 13.31 22.51
C TYR B 81 20.85 12.75 22.42
N ASP B 82 21.40 12.38 23.57
CA ASP B 82 22.66 11.66 23.64
C ASP B 82 22.41 10.16 23.48
N ALA B 83 22.79 9.62 22.34
CA ALA B 83 22.49 8.23 21.99
C ALA B 83 23.22 7.25 22.90
N PHE B 84 24.33 7.68 23.50
CA PHE B 84 25.10 6.80 24.38
C PHE B 84 24.41 6.65 25.74
N VAL B 85 23.61 7.65 26.11
CA VAL B 85 22.92 7.65 27.40
C VAL B 85 21.56 6.94 27.32
N HIS B 86 20.88 7.07 26.18
CA HIS B 86 19.50 6.57 26.03
C HIS B 86 19.37 5.54 24.90
N PRO B 87 19.21 4.25 25.24
CA PRO B 87 19.01 3.22 24.21
C PRO B 87 17.81 3.53 23.29
N ARG B 88 17.86 3.04 22.05
CA ARG B 88 16.80 3.28 21.08
C ARG B 88 15.40 3.06 21.64
N ALA B 89 15.14 1.87 22.21
CA ALA B 89 13.78 1.51 22.64
C ALA B 89 13.21 2.46 23.70
N SER B 90 14.08 3.07 24.52
CA SER B 90 13.63 3.89 25.64
C SER B 90 13.12 5.26 25.22
N ARG B 91 13.53 5.71 24.04
CA ARG B 91 13.37 7.11 23.67
C ARG B 91 11.91 7.54 23.50
N VAL B 92 11.03 6.60 23.16
CA VAL B 92 9.62 6.92 22.99
C VAL B 92 8.99 7.39 24.30
N HIS B 93 9.59 7.01 25.43
CA HIS B 93 9.06 7.34 26.74
C HIS B 93 9.71 8.57 27.37
N LEU B 94 10.67 9.19 26.68
CA LEU B 94 11.35 10.37 27.21
C LEU B 94 10.49 11.64 27.02
N PRO B 95 10.65 12.62 27.92
CA PRO B 95 9.91 13.89 27.77
C PRO B 95 10.56 14.78 26.70
N LEU B 96 10.50 14.34 25.46
CA LEU B 96 11.16 15.01 24.34
C LEU B 96 10.51 16.34 23.97
N LEU B 97 11.27 17.19 23.30
CA LEU B 97 10.72 18.40 22.70
C LEU B 97 9.62 18.04 21.71
N SER B 98 8.55 18.83 21.67
CA SER B 98 7.50 18.64 20.67
C SER B 98 8.04 18.84 19.25
N PRO B 99 7.32 18.36 18.23
CA PRO B 99 7.73 18.61 16.85
C PRO B 99 7.91 20.11 16.55
N ALA B 100 7.00 20.93 17.06
CA ALA B 100 7.10 22.37 16.86
C ALA B 100 8.38 22.92 17.53
N GLN B 101 8.65 22.50 18.76
CA GLN B 101 9.85 22.94 19.46
C GLN B 101 11.10 22.45 18.73
N ALA B 102 11.06 21.19 18.31
CA ALA B 102 12.20 20.60 17.61
C ALA B 102 12.52 21.34 16.31
N ARG B 103 11.48 21.67 15.53
CA ARG B 103 11.68 22.41 14.29
C ARG B 103 12.23 23.80 14.54
N ARG B 104 11.70 24.47 15.56
CA ARG B 104 12.13 25.83 15.92
C ARG B 104 13.61 25.84 16.31
N PHE B 105 14.00 24.85 17.12
CA PHE B 105 15.38 24.71 17.55
C PHE B 105 16.32 24.50 16.37
N CYS B 106 15.97 23.54 15.51
CA CYS B 106 16.75 23.28 14.29
C CYS B 106 16.88 24.53 13.43
N ALA B 107 15.78 25.27 13.27
CA ALA B 107 15.77 26.45 12.42
C ALA B 107 16.69 27.54 12.97
N THR B 108 16.61 27.76 14.27
CA THR B 108 17.45 28.77 14.94
C THR B 108 18.92 28.41 14.81
N VAL B 109 19.25 27.14 15.02
CA VAL B 109 20.62 26.67 14.86
C VAL B 109 21.10 26.87 13.43
N ARG B 110 20.26 26.49 12.47
CA ARG B 110 20.65 26.54 11.07
C ARG B 110 20.92 27.98 10.62
N SER B 111 20.13 28.94 11.11
CA SER B 111 20.36 30.35 10.78
C SER B 111 21.76 30.81 11.20
N ALA B 112 22.15 30.46 12.42
CA ALA B 112 23.46 30.83 12.92
C ALA B 112 24.56 30.13 12.12
N VAL B 113 24.29 28.89 11.72
CA VAL B 113 25.27 28.10 10.99
C VAL B 113 25.54 28.69 9.61
N LEU B 114 24.49 29.11 8.92
CA LEU B 114 24.64 29.66 7.57
C LEU B 114 25.29 31.04 7.61
N ASP B 115 24.95 31.82 8.64
CA ASP B 115 25.59 33.11 8.83
C ASP B 115 27.09 32.92 9.04
N ALA B 116 27.45 31.94 9.87
CA ALA B 116 28.86 31.67 10.15
C ALA B 116 29.57 31.20 8.89
N LEU B 117 28.89 30.35 8.13
CA LEU B 117 29.48 29.80 6.90
C LEU B 117 29.72 30.92 5.89
N ASP B 118 28.74 31.80 5.76
CA ASP B 118 28.84 32.92 4.83
C ASP B 118 30.05 33.80 5.15
N ARG B 119 30.44 33.85 6.43
CA ARG B 119 31.50 34.75 6.87
C ARG B 119 32.89 34.11 6.83
N LEU B 120 32.95 32.80 6.61
CA LEU B 120 34.24 32.11 6.53
C LEU B 120 35.03 32.51 5.28
N PRO B 121 36.36 32.63 5.42
CA PRO B 121 37.18 32.94 4.25
C PRO B 121 37.29 31.73 3.30
N GLU B 122 37.55 32.00 2.03
CA GLU B 122 37.56 30.96 0.99
C GLU B 122 38.50 29.80 1.33
N ASP B 123 39.56 30.12 2.06
CA ASP B 123 40.65 29.20 2.38
C ASP B 123 40.39 28.38 3.64
N ALA B 124 39.30 28.67 4.34
CA ALA B 124 39.08 28.11 5.67
C ALA B 124 38.84 26.60 5.62
N ASP B 125 39.25 25.93 6.68
CA ASP B 125 38.95 24.52 6.84
C ASP B 125 37.46 24.40 7.14
N THR B 126 36.75 23.65 6.31
CA THR B 126 35.31 23.48 6.47
C THR B 126 34.93 22.02 6.66
N PHE B 127 35.86 21.22 7.19
CA PHE B 127 35.57 19.80 7.33
C PHE B 127 34.33 19.56 8.16
N ALA B 128 34.22 20.26 9.28
CA ALA B 128 33.12 20.06 10.22
C ALA B 128 31.79 20.21 9.51
N PHE B 129 31.72 21.17 8.59
CA PHE B 129 30.49 21.42 7.85
C PHE B 129 30.12 20.19 7.03
N GLY B 130 31.08 19.64 6.28
CA GLY B 130 30.82 18.44 5.50
C GLY B 130 30.47 17.26 6.38
N MET B 131 31.11 17.17 7.54
CA MET B 131 30.85 16.07 8.48
C MET B 131 29.39 16.10 8.91
N VAL B 132 28.87 17.31 9.09
CA VAL B 132 27.50 17.49 9.57
C VAL B 132 26.49 17.18 8.45
N VAL B 133 26.82 17.54 7.22
CA VAL B 133 25.99 17.17 6.08
C VAL B 133 25.83 15.66 6.02
N SER B 134 26.92 14.96 6.26
CA SER B 134 26.92 13.49 6.27
C SER B 134 26.08 12.97 7.43
N HIS B 135 26.23 13.58 8.60
CA HIS B 135 25.47 13.15 9.77
C HIS B 135 23.97 13.23 9.53
N GLU B 136 23.51 14.34 8.98
CA GLU B 136 22.08 14.54 8.77
C GLU B 136 21.53 13.56 7.74
N HIS B 137 22.24 13.40 6.61
CA HIS B 137 21.76 12.49 5.56
C HIS B 137 21.71 11.06 6.09
N GLN B 138 22.67 10.71 6.92
CA GLN B 138 22.69 9.37 7.51
C GLN B 138 21.47 9.16 8.42
N HIS B 139 21.11 10.15 9.23
CA HIS B 139 19.91 10.02 10.05
C HIS B 139 18.65 10.03 9.18
N ASP B 140 18.72 10.67 8.01
CA ASP B 140 17.59 10.61 7.08
C ASP B 140 17.38 9.16 6.65
N GLU B 141 18.47 8.43 6.41
CA GLU B 141 18.34 7.00 6.06
C GLU B 141 17.79 6.20 7.24
N THR B 142 18.24 6.52 8.45
CA THR B 142 17.70 5.88 9.65
C THR B 142 16.19 6.09 9.77
N MET B 143 15.75 7.31 9.50
CA MET B 143 14.33 7.62 9.58
C MET B 143 13.53 6.85 8.52
N LEU B 144 14.12 6.68 7.34
CA LEU B 144 13.50 5.87 6.30
C LEU B 144 13.36 4.41 6.75
N GLN B 145 14.37 3.88 7.46
CA GLN B 145 14.26 2.54 8.03
C GLN B 145 13.04 2.45 8.95
N ALA B 146 12.82 3.47 9.76
CA ALA B 146 11.68 3.50 10.67
C ALA B 146 10.37 3.53 9.90
N LEU B 147 10.30 4.38 8.87
CA LEU B 147 9.10 4.50 8.07
C LEU B 147 8.77 3.21 7.31
N ASN B 148 9.81 2.46 6.92
CA ASN B 148 9.59 1.17 6.29
C ASN B 148 9.09 0.10 7.28
N LEU B 149 9.47 0.22 8.55
CA LEU B 149 8.97 -0.70 9.59
C LEU B 149 7.54 -0.38 10.02
N ARG B 150 7.12 0.86 9.83
CA ARG B 150 5.81 1.31 10.29
C ARG B 150 4.69 0.45 9.72
N SER B 151 3.82 -0.01 10.61
CA SER B 151 2.64 -0.76 10.21
C SER B 151 1.51 0.20 9.86
N GLY B 152 0.81 -0.10 8.76
CA GLY B 152 -0.38 0.66 8.38
C GLY B 152 -0.30 1.14 6.95
N GLU B 153 -1.35 1.81 6.50
CA GLU B 153 -1.40 2.28 5.13
C GLU B 153 -0.28 3.31 4.89
N PRO B 154 0.22 3.39 3.65
CA PRO B 154 1.45 4.15 3.37
C PRO B 154 1.37 5.65 3.71
N LEU B 155 2.50 6.20 4.17
CA LEU B 155 2.65 7.63 4.36
C LEU B 155 3.41 8.21 3.17
N LEU B 156 4.36 7.44 2.64
CA LEU B 156 5.11 7.82 1.46
C LEU B 156 4.53 7.18 0.20
N GLY B 157 4.83 7.76 -0.96
CA GLY B 157 4.43 7.18 -2.24
C GLY B 157 5.25 5.93 -2.51
N SER B 158 5.12 5.38 -3.73
CA SER B 158 5.82 4.14 -4.04
C SER B 158 7.19 4.37 -4.70
N GLY B 159 7.53 5.64 -4.97
CA GLY B 159 8.86 6.00 -5.44
C GLY B 159 8.96 6.37 -6.91
N THR B 160 10.04 7.06 -7.27
CA THR B 160 10.23 7.55 -8.64
C THR B 160 10.66 6.42 -9.58
N ALA B 161 10.59 6.70 -10.88
CA ALA B 161 10.91 5.69 -11.90
C ALA B 161 12.39 5.31 -11.87
N LEU B 162 12.67 4.07 -12.24
CA LEU B 162 14.04 3.57 -12.33
C LEU B 162 14.24 2.94 -13.70
N PRO B 163 15.50 2.80 -14.12
CA PRO B 163 15.77 2.16 -15.42
C PRO B 163 15.49 0.67 -15.36
N PRO B 164 15.23 0.03 -16.53
CA PRO B 164 15.01 -1.42 -16.51
C PRO B 164 16.31 -2.17 -16.30
N GLY B 165 16.25 -3.39 -15.80
CA GLY B 165 17.42 -4.25 -15.73
C GLY B 165 17.70 -4.86 -17.10
N ARG B 166 18.62 -5.82 -17.14
CA ARG B 166 18.89 -6.56 -18.37
C ARG B 166 19.27 -8.01 -18.04
N PRO B 167 19.02 -8.94 -18.97
CA PRO B 167 19.29 -10.36 -18.70
C PRO B 167 20.75 -10.75 -18.75
N GLY B 168 21.07 -11.92 -18.19
CA GLY B 168 22.39 -12.50 -18.30
C GLY B 168 23.44 -11.97 -17.33
N VAL B 169 23.02 -11.21 -16.32
CA VAL B 169 23.98 -10.65 -15.37
C VAL B 169 23.89 -11.31 -14.00
N ALA B 170 22.70 -11.76 -13.62
CA ALA B 170 22.48 -12.33 -12.29
C ALA B 170 23.33 -13.60 -12.11
N GLY B 171 24.05 -13.67 -10.99
CA GLY B 171 24.85 -14.84 -10.68
C GLY B 171 26.22 -14.89 -11.33
N THR B 172 26.53 -13.96 -12.22
CA THR B 172 27.83 -13.96 -12.90
C THR B 172 28.89 -13.26 -12.05
N SER B 173 30.15 -13.44 -12.44
CA SER B 173 31.27 -12.91 -11.69
C SER B 173 32.33 -12.30 -12.62
N VAL B 174 33.16 -11.42 -12.07
CA VAL B 174 34.28 -10.84 -12.80
C VAL B 174 35.56 -11.04 -11.99
N LEU B 175 36.70 -11.00 -12.67
CA LEU B 175 38.00 -11.19 -12.02
C LEU B 175 38.53 -9.85 -11.48
N VAL B 176 39.08 -9.89 -10.27
CA VAL B 176 39.80 -8.75 -9.70
C VAL B 176 41.29 -9.13 -9.58
N PRO B 177 42.10 -8.82 -10.60
CA PRO B 177 43.51 -9.26 -10.60
C PRO B 177 44.26 -8.93 -9.30
N GLY B 178 45.14 -9.83 -8.89
CA GLY B 178 45.85 -9.69 -7.63
C GLY B 178 46.98 -8.68 -7.68
N GLY B 179 47.36 -8.16 -6.52
CA GLY B 179 48.47 -7.24 -6.42
C GLY B 179 48.20 -6.10 -5.44
N PRO B 180 49.18 -5.22 -5.25
CA PRO B 180 49.02 -4.07 -4.35
C PRO B 180 47.99 -3.07 -4.87
N PHE B 181 47.27 -2.44 -3.95
CA PHE B 181 46.38 -1.34 -4.31
C PHE B 181 46.32 -0.36 -3.15
N VAL B 182 45.83 0.86 -3.41
CA VAL B 182 45.71 1.87 -2.37
C VAL B 182 44.34 1.82 -1.70
N LEU B 183 44.34 1.43 -0.43
CA LEU B 183 43.14 1.39 0.39
C LEU B 183 42.99 2.71 1.12
N GLY B 184 41.76 3.21 1.22
CA GLY B 184 41.49 4.45 1.94
C GLY B 184 41.85 5.70 1.14
N VAL B 185 41.66 6.86 1.76
CA VAL B 185 41.91 8.15 1.11
C VAL B 185 42.47 9.17 2.10
N ASP B 186 43.08 10.22 1.57
CA ASP B 186 43.57 11.35 2.38
C ASP B 186 42.67 12.57 2.17
N LEU B 187 42.59 13.43 3.17
CA LEU B 187 41.77 14.63 3.09
C LEU B 187 42.12 15.49 1.88
N ALA B 188 43.36 15.39 1.41
CA ALA B 188 43.82 16.15 0.25
C ALA B 188 43.02 15.82 -1.01
N ASP B 189 42.58 14.57 -1.16
CA ASP B 189 41.81 14.14 -2.31
C ASP B 189 40.31 14.13 -2.04
N GLU B 190 39.94 13.85 -0.79
CA GLU B 190 38.55 13.85 -0.35
C GLU B 190 38.40 14.71 0.90
N PRO B 191 38.13 16.01 0.74
CA PRO B 191 38.13 16.95 1.87
C PRO B 191 37.17 16.58 3.02
N TYR B 192 36.15 15.77 2.74
CA TYR B 192 35.16 15.45 3.76
C TYR B 192 35.07 13.96 4.03
N ALA B 193 36.17 13.25 3.81
CA ALA B 193 36.28 11.84 4.17
C ALA B 193 36.28 11.68 5.69
N LEU B 194 35.44 10.77 6.20
CA LEU B 194 35.31 10.58 7.65
C LEU B 194 36.54 9.84 8.19
N ASP B 195 36.78 9.92 9.51
CA ASP B 195 38.08 9.52 10.04
C ASP B 195 38.43 8.06 9.74
N ASN B 196 37.44 7.17 9.70
CA ASN B 196 37.72 5.76 9.50
C ASN B 196 38.10 5.39 8.06
N GLU B 197 38.04 6.37 7.16
CA GLU B 197 38.43 6.14 5.77
C GLU B 197 39.92 6.43 5.52
N ARG B 198 40.57 7.03 6.52
CA ARG B 198 41.93 7.55 6.36
C ARG B 198 42.94 6.74 7.17
N PRO B 199 44.23 6.78 6.78
CA PRO B 199 44.81 7.42 5.60
C PRO B 199 44.93 6.47 4.41
N ALA B 200 45.21 7.02 3.24
CA ALA B 200 45.55 6.21 2.07
C ALA B 200 46.80 5.37 2.37
N HIS B 201 46.73 4.07 2.11
CA HIS B 201 47.88 3.20 2.31
C HIS B 201 47.82 1.98 1.40
N VAL B 202 48.97 1.40 1.11
CA VAL B 202 49.05 0.28 0.19
C VAL B 202 48.82 -1.05 0.90
N VAL B 203 48.00 -1.89 0.27
CA VAL B 203 47.72 -3.23 0.75
C VAL B 203 47.78 -4.20 -0.43
N ASP B 204 48.37 -5.37 -0.21
CA ASP B 204 48.43 -6.40 -1.24
C ASP B 204 47.22 -7.32 -1.13
N VAL B 205 46.45 -7.41 -2.20
CA VAL B 205 45.23 -8.24 -2.21
C VAL B 205 45.37 -9.31 -3.29
N PRO B 206 45.34 -10.59 -2.89
CA PRO B 206 45.43 -11.66 -3.89
C PRO B 206 44.26 -11.64 -4.87
N ALA B 207 44.43 -12.32 -6.00
CA ALA B 207 43.38 -12.42 -7.01
C ALA B 207 42.13 -13.07 -6.41
N PHE B 208 40.97 -12.57 -6.81
CA PHE B 208 39.69 -13.11 -6.37
C PHE B 208 38.62 -12.68 -7.37
N ARG B 209 37.45 -13.34 -7.32
CA ARG B 209 36.33 -12.98 -8.19
C ARG B 209 35.23 -12.37 -7.35
N ILE B 210 34.46 -11.45 -7.95
CA ILE B 210 33.37 -10.79 -7.24
C ILE B 210 32.13 -10.75 -8.13
N GLY B 211 30.96 -10.80 -7.51
CA GLY B 211 29.71 -10.75 -8.26
C GLY B 211 29.57 -9.52 -9.12
N ARG B 212 29.12 -9.72 -10.36
CA ARG B 212 28.90 -8.62 -11.28
C ARG B 212 27.78 -7.73 -10.77
N VAL B 213 26.78 -8.36 -10.16
CA VAL B 213 25.65 -7.67 -9.59
C VAL B 213 25.26 -8.32 -8.27
N PRO B 214 24.48 -7.62 -7.44
CA PRO B 214 24.04 -8.21 -6.18
C PRO B 214 23.14 -9.43 -6.37
N VAL B 215 23.00 -10.22 -5.32
CA VAL B 215 22.08 -11.35 -5.32
C VAL B 215 20.64 -10.85 -5.46
N THR B 216 19.85 -11.48 -6.33
CA THR B 216 18.46 -11.06 -6.59
C THR B 216 17.41 -11.80 -5.73
N ASN B 217 16.19 -11.28 -5.74
CA ASN B 217 15.08 -11.94 -5.08
C ASN B 217 14.83 -13.36 -5.60
N ALA B 218 14.82 -13.54 -6.91
CA ALA B 218 14.61 -14.88 -7.49
C ALA B 218 15.67 -15.86 -7.00
N GLU B 219 16.92 -15.43 -6.94
CA GLU B 219 17.99 -16.30 -6.46
C GLU B 219 17.81 -16.62 -4.98
N TRP B 220 17.32 -15.67 -4.20
CA TRP B 220 17.06 -15.92 -2.79
C TRP B 220 15.91 -16.92 -2.63
N ARG B 221 14.91 -16.81 -3.49
CA ARG B 221 13.78 -17.73 -3.43
C ARG B 221 14.26 -19.17 -3.74
N ALA B 222 15.25 -19.29 -4.63
CA ALA B 222 15.83 -20.59 -4.95
C ALA B 222 16.51 -21.18 -3.70
N PHE B 223 17.23 -20.32 -2.98
CA PHE B 223 17.88 -20.68 -1.73
C PHE B 223 16.85 -21.17 -0.71
N ILE B 224 15.76 -20.43 -0.53
CA ILE B 224 14.68 -20.85 0.36
C ILE B 224 14.11 -22.21 -0.06
N ASP B 225 13.73 -22.33 -1.34
CA ASP B 225 13.05 -23.53 -1.83
C ASP B 225 13.93 -24.77 -1.77
N ASP B 226 15.25 -24.58 -1.77
CA ASP B 226 16.18 -25.70 -1.68
C ASP B 226 16.50 -26.07 -0.23
N GLY B 227 15.80 -25.45 0.72
CA GLY B 227 15.97 -25.77 2.13
C GLY B 227 17.12 -25.04 2.81
N GLY B 228 17.55 -23.93 2.22
CA GLY B 228 18.64 -23.14 2.75
C GLY B 228 18.56 -22.79 4.24
N TYR B 229 17.39 -22.35 4.71
CA TYR B 229 17.24 -21.97 6.12
C TYR B 229 17.13 -23.18 7.04
N ARG B 230 17.04 -24.38 6.46
CA ARG B 230 16.85 -25.61 7.23
C ARG B 230 18.10 -26.50 7.23
N GLN B 231 19.17 -26.02 6.58
CA GLN B 231 20.37 -26.83 6.41
C GLN B 231 21.57 -26.22 7.14
N ARG B 232 21.93 -26.88 8.23
CA ARG B 232 22.97 -26.44 9.16
C ARG B 232 24.29 -26.06 8.49
N ARG B 233 24.69 -26.85 7.49
CA ARG B 233 26.06 -26.75 6.97
C ARG B 233 26.41 -25.42 6.31
N TRP B 234 25.43 -24.65 5.87
CA TRP B 234 25.69 -23.35 5.24
C TRP B 234 25.96 -22.24 6.25
N TRP B 235 25.55 -22.45 7.49
CA TRP B 235 25.55 -21.38 8.49
C TRP B 235 26.75 -21.46 9.45
N SER B 236 27.19 -20.31 9.95
CA SER B 236 28.18 -20.27 11.01
C SER B 236 27.50 -20.71 12.32
N ASP B 237 28.29 -21.04 13.34
CA ASP B 237 27.73 -21.39 14.63
C ASP B 237 26.86 -20.25 15.17
N ALA B 238 27.39 -19.03 15.14
CA ALA B 238 26.64 -17.88 15.63
C ALA B 238 25.40 -17.65 14.77
N GLY B 239 25.53 -17.85 13.47
CA GLY B 239 24.44 -17.59 12.56
C GLY B 239 23.29 -18.57 12.72
N TRP B 240 23.64 -19.84 12.91
CA TRP B 240 22.63 -20.90 13.13
C TRP B 240 21.90 -20.66 14.46
N ALA B 241 22.66 -20.27 15.48
CA ALA B 241 22.09 -19.94 16.77
C ALA B 241 21.08 -18.81 16.64
N TYR B 242 21.44 -17.77 15.90
CA TYR B 242 20.53 -16.64 15.76
C TYR B 242 19.31 -16.95 14.89
N ARG B 243 19.52 -17.74 13.85
CA ARG B 243 18.41 -18.16 13.01
C ARG B 243 17.39 -18.91 13.86
N CYS B 244 17.91 -19.72 14.77
CA CYS B 244 17.10 -20.50 15.69
C CYS B 244 16.32 -19.56 16.60
N GLU B 245 17.00 -18.59 17.19
CA GLU B 245 16.35 -17.72 18.17
C GLU B 245 15.27 -16.86 17.53
N ALA B 246 15.60 -16.21 16.41
CA ALA B 246 14.67 -15.28 15.76
C ALA B 246 13.70 -15.99 14.82
N GLY B 247 13.93 -17.27 14.55
CA GLY B 247 13.06 -18.02 13.66
C GLY B 247 13.09 -17.49 12.23
N LEU B 248 14.28 -17.22 11.70
CA LEU B 248 14.41 -16.68 10.36
C LEU B 248 14.06 -17.71 9.29
N THR B 249 13.20 -17.33 8.35
CA THR B 249 12.81 -18.21 7.25
C THR B 249 12.87 -17.55 5.89
N ALA B 250 13.02 -16.23 5.86
CA ALA B 250 13.02 -15.45 4.62
C ALA B 250 13.46 -14.02 4.95
N PRO B 251 13.72 -13.18 3.91
CA PRO B 251 14.05 -11.77 4.21
C PRO B 251 12.90 -11.12 4.97
N GLN B 252 13.15 -10.03 5.69
N GLN B 252 13.19 -10.07 5.75
CA GLN B 252 12.18 -9.54 6.70
CA GLN B 252 12.12 -9.36 6.42
C GLN B 252 10.77 -9.21 6.16
C GLN B 252 11.25 -8.75 5.34
N PHE B 253 10.66 -8.51 5.03
N PHE B 253 9.96 -8.61 5.65
CA PHE B 253 9.36 -7.96 4.64
CA PHE B 253 8.99 -7.95 4.78
C PHE B 253 8.64 -8.78 3.57
C PHE B 253 8.53 -8.82 3.59
N TRP B 254 9.06 -10.03 3.44
CA TRP B 254 8.43 -11.00 2.55
C TRP B 254 7.23 -11.62 3.29
N ASN B 255 6.08 -11.66 2.63
CA ASN B 255 4.85 -12.17 3.25
C ASN B 255 4.48 -13.58 2.78
N PRO B 256 3.70 -14.33 3.59
CA PRO B 256 3.33 -15.69 3.22
C PRO B 256 2.54 -15.81 1.91
N ASP B 257 1.88 -14.74 1.49
CA ASP B 257 1.04 -14.81 0.30
C ASP B 257 1.81 -14.49 -0.98
N GLY B 258 3.13 -14.45 -0.89
CA GLY B 258 3.95 -14.21 -2.07
C GLY B 258 4.20 -12.74 -2.38
N THR B 259 3.74 -11.84 -1.50
CA THR B 259 4.00 -10.41 -1.67
C THR B 259 5.13 -9.96 -0.76
N ARG B 260 5.52 -8.70 -0.88
CA ARG B 260 6.36 -8.04 0.10
C ARG B 260 5.75 -6.69 0.47
N THR B 261 6.14 -6.13 1.61
CA THR B 261 5.63 -4.84 2.04
C THR B 261 6.76 -3.82 2.17
N ARG B 262 6.62 -2.73 1.40
CA ARG B 262 7.66 -1.72 1.23
C ARG B 262 7.06 -0.34 1.50
N PHE B 263 7.50 0.30 2.58
CA PHE B 263 6.91 1.57 3.02
C PHE B 263 5.37 1.52 3.01
N GLY B 264 4.85 0.40 3.50
CA GLY B 264 3.42 0.19 3.61
C GLY B 264 2.76 -0.25 2.32
N HIS B 265 3.52 -0.28 1.23
CA HIS B 265 2.98 -0.73 -0.05
C HIS B 265 3.14 -2.24 -0.19
N VAL B 266 2.02 -2.95 -0.35
CA VAL B 266 2.05 -4.40 -0.61
C VAL B 266 2.21 -4.63 -2.10
N GLU B 267 3.22 -5.42 -2.48
CA GLU B 267 3.58 -5.58 -3.88
C GLU B 267 4.02 -7.01 -4.19
N ASP B 268 3.79 -7.43 -5.43
CA ASP B 268 4.37 -8.68 -5.93
C ASP B 268 5.90 -8.56 -5.83
N ILE B 269 6.59 -9.64 -5.46
CA ILE B 269 8.04 -9.55 -5.29
C ILE B 269 8.74 -9.55 -6.65
N PRO B 270 9.44 -8.46 -6.98
CA PRO B 270 10.11 -8.46 -8.30
C PRO B 270 11.32 -9.39 -8.29
N PRO B 271 11.40 -10.28 -9.29
CA PRO B 271 12.45 -11.32 -9.21
C PRO B 271 13.88 -10.81 -9.46
N ASP B 272 14.05 -9.73 -10.22
CA ASP B 272 15.38 -9.26 -10.62
C ASP B 272 15.90 -8.10 -9.76
N GLU B 273 15.13 -7.75 -8.73
CA GLU B 273 15.53 -6.73 -7.78
C GLU B 273 16.55 -7.33 -6.82
N PRO B 274 17.57 -6.55 -6.43
CA PRO B 274 18.48 -7.05 -5.40
C PRO B 274 17.72 -7.47 -4.16
N VAL B 275 18.04 -8.62 -3.57
CA VAL B 275 17.42 -9.00 -2.31
C VAL B 275 17.81 -7.96 -1.27
N GLN B 276 16.90 -7.68 -0.34
CA GLN B 276 17.11 -6.63 0.65
C GLN B 276 16.51 -7.06 2.00
N HIS B 277 17.07 -6.53 3.08
CA HIS B 277 16.62 -6.84 4.45
C HIS B 277 16.92 -8.28 4.84
N VAL B 278 18.18 -8.66 4.67
CA VAL B 278 18.72 -9.90 5.20
C VAL B 278 19.85 -9.61 6.19
N THR B 279 19.97 -10.43 7.21
CA THR B 279 21.07 -10.34 8.17
C THR B 279 22.40 -10.72 7.55
N TYR B 280 23.48 -10.34 8.22
CA TYR B 280 24.82 -10.83 7.88
C TYR B 280 24.87 -12.35 7.87
N PHE B 281 24.22 -12.97 8.85
CA PHE B 281 24.23 -14.43 8.97
C PHE B 281 23.51 -15.11 7.80
N GLU B 282 22.41 -14.51 7.34
CA GLU B 282 21.72 -15.00 6.15
C GLU B 282 22.60 -14.87 4.90
N ALA B 283 23.27 -13.73 4.79
CA ALA B 283 24.15 -13.47 3.66
C ALA B 283 25.25 -14.51 3.59
N GLU B 284 25.86 -14.87 4.73
CA GLU B 284 26.96 -15.82 4.65
C GLU B 284 26.43 -17.23 4.38
N ALA B 285 25.21 -17.50 4.84
CA ALA B 285 24.61 -18.81 4.56
C ALA B 285 24.27 -18.96 3.08
N TYR B 286 23.66 -17.93 2.51
CA TYR B 286 23.37 -17.97 1.08
C TYR B 286 24.67 -18.13 0.29
N ALA B 287 25.69 -17.37 0.66
CA ALA B 287 26.96 -17.41 -0.07
C ALA B 287 27.55 -18.81 -0.06
N ALA B 288 27.45 -19.48 1.08
CA ALA B 288 27.98 -20.83 1.23
C ALA B 288 27.20 -21.81 0.34
N TRP B 289 25.87 -21.69 0.36
CA TRP B 289 25.00 -22.52 -0.46
C TRP B 289 25.26 -22.30 -1.95
N ALA B 290 25.63 -21.07 -2.31
CA ALA B 290 25.90 -20.73 -3.71
C ALA B 290 27.30 -21.19 -4.16
N GLY B 291 28.08 -21.76 -3.24
CA GLY B 291 29.43 -22.20 -3.53
C GLY B 291 30.41 -21.04 -3.54
N ALA B 292 30.07 -20.00 -2.78
CA ALA B 292 30.88 -18.78 -2.73
C ALA B 292 31.10 -18.34 -1.28
N ARG B 293 31.42 -17.06 -1.10
CA ARG B 293 31.59 -16.48 0.23
C ARG B 293 31.27 -15.00 0.16
N LEU B 294 31.39 -14.33 1.29
CA LEU B 294 31.33 -12.86 1.31
C LEU B 294 32.73 -12.29 1.03
N PRO B 295 32.79 -11.10 0.42
CA PRO B 295 34.05 -10.39 0.29
C PRO B 295 34.46 -9.74 1.60
N THR B 296 35.77 -9.51 1.79
CA THR B 296 36.22 -8.61 2.83
C THR B 296 35.93 -7.20 2.32
N GLU B 297 35.90 -6.22 3.22
CA GLU B 297 35.69 -4.84 2.79
C GLU B 297 36.89 -4.35 1.99
N ILE B 298 38.05 -4.93 2.26
CA ILE B 298 39.26 -4.55 1.52
C ILE B 298 39.18 -5.07 0.08
N GLU B 299 38.76 -6.33 -0.07
CA GLU B 299 38.46 -6.87 -1.39
C GLU B 299 37.40 -6.03 -2.08
N TRP B 300 36.38 -5.62 -1.32
CA TRP B 300 35.26 -4.86 -1.88
C TRP B 300 35.72 -3.53 -2.44
N GLU B 301 36.51 -2.78 -1.67
CA GLU B 301 36.93 -1.46 -2.08
C GLU B 301 37.89 -1.54 -3.28
N LYS B 302 38.68 -2.60 -3.35
CA LYS B 302 39.60 -2.75 -4.48
C LYS B 302 38.80 -2.97 -5.77
N ALA B 303 37.80 -3.84 -5.68
CA ALA B 303 36.91 -4.12 -6.81
C ALA B 303 36.19 -2.84 -7.26
N CYS B 304 35.82 -1.99 -6.32
CA CYS B 304 35.12 -0.74 -6.62
C CYS B 304 36.04 0.33 -7.23
N ALA B 305 37.14 0.63 -6.57
CA ALA B 305 37.91 1.84 -6.86
C ALA B 305 39.17 1.64 -7.72
N TRP B 306 39.70 0.42 -7.77
CA TRP B 306 41.01 0.22 -8.40
C TRP B 306 40.90 -0.05 -9.89
N ASP B 307 41.82 0.53 -10.66
CA ASP B 307 41.86 0.36 -12.11
C ASP B 307 43.18 -0.35 -12.47
N PRO B 308 43.11 -1.67 -12.76
CA PRO B 308 44.33 -2.42 -13.09
C PRO B 308 45.06 -1.89 -14.32
N ALA B 309 44.31 -1.38 -15.29
CA ALA B 309 44.90 -0.91 -16.55
C ALA B 309 45.85 0.26 -16.33
N THR B 310 45.47 1.16 -15.43
CA THR B 310 46.26 2.36 -15.18
C THR B 310 47.07 2.25 -13.88
N GLY B 311 46.67 1.34 -12.99
CA GLY B 311 47.31 1.23 -11.70
C GLY B 311 46.98 2.44 -10.83
N ARG B 312 45.75 2.92 -10.95
CA ARG B 312 45.31 4.10 -10.22
C ARG B 312 43.98 3.86 -9.52
N ARG B 313 43.69 4.72 -8.55
CA ARG B 313 42.40 4.77 -7.89
C ARG B 313 41.48 5.72 -8.67
N ARG B 314 40.23 5.31 -8.85
CA ARG B 314 39.20 6.21 -9.36
C ARG B 314 38.43 6.84 -8.20
N ARG B 315 37.86 8.02 -8.43
CA ARG B 315 37.04 8.66 -7.40
C ARG B 315 35.75 7.86 -7.18
N TYR B 316 35.16 7.41 -8.28
CA TYR B 316 33.98 6.54 -8.27
C TYR B 316 34.26 5.33 -9.15
N PRO B 317 33.43 4.27 -9.05
CA PRO B 317 33.76 3.08 -9.87
C PRO B 317 33.86 3.40 -11.36
N TRP B 318 33.04 4.33 -11.85
CA TRP B 318 33.02 4.68 -13.27
C TRP B 318 34.14 5.63 -13.66
N GLY B 319 34.64 6.40 -12.70
CA GLY B 319 35.64 7.43 -12.97
C GLY B 319 35.48 8.62 -12.06
N ASP B 320 35.61 9.83 -12.62
CA ASP B 320 35.63 11.06 -11.84
C ASP B 320 34.35 11.90 -11.99
N ALA B 321 33.46 11.51 -12.89
CA ALA B 321 32.19 12.22 -13.08
C ALA B 321 31.33 12.19 -11.82
N ALA B 322 30.66 13.31 -11.53
CA ALA B 322 29.74 13.39 -10.40
C ALA B 322 28.61 12.38 -10.58
N PRO B 323 28.16 11.73 -9.49
CA PRO B 323 27.06 10.77 -9.68
C PRO B 323 25.83 11.42 -10.31
N THR B 324 25.14 10.67 -11.16
CA THR B 324 23.91 11.14 -11.80
C THR B 324 22.86 10.04 -11.73
N ALA B 325 21.63 10.39 -12.09
CA ALA B 325 20.55 9.41 -12.21
C ALA B 325 20.90 8.35 -13.25
N ALA B 326 21.78 8.71 -14.18
CA ALA B 326 22.20 7.79 -15.24
C ALA B 326 23.27 6.81 -14.78
N LEU B 327 24.00 7.16 -13.73
CA LEU B 327 25.13 6.35 -13.26
C LEU B 327 24.79 5.44 -12.08
N ALA B 328 23.86 5.86 -11.23
CA ALA B 328 23.52 5.08 -10.06
C ALA B 328 22.20 5.49 -9.44
N ASN B 329 21.66 4.60 -8.61
CA ASN B 329 20.45 4.83 -7.86
C ASN B 329 20.78 5.29 -6.45
N LEU B 330 20.70 6.60 -6.23
CA LEU B 330 21.04 7.23 -4.95
C LEU B 330 20.01 8.31 -4.61
N GLY B 331 20.10 8.85 -3.39
CA GLY B 331 19.36 10.05 -3.04
C GLY B 331 18.03 9.85 -2.33
N GLY B 332 17.47 8.63 -2.40
CA GLY B 332 16.26 8.31 -1.65
C GLY B 332 14.94 8.32 -2.41
N ASP B 333 14.87 8.94 -3.58
CA ASP B 333 13.58 9.15 -4.26
C ASP B 333 12.91 7.86 -4.75
N ALA B 334 13.69 6.82 -5.05
CA ALA B 334 13.12 5.59 -5.60
C ALA B 334 12.47 4.68 -4.55
N LEU B 335 12.89 4.82 -3.29
CA LEU B 335 12.37 4.02 -2.18
C LEU B 335 12.57 2.51 -2.42
N ARG B 336 13.52 2.18 -3.29
CA ARG B 336 13.85 0.79 -3.58
C ARG B 336 15.12 0.69 -4.41
N PRO B 337 15.76 -0.49 -4.42
CA PRO B 337 16.90 -0.72 -5.32
C PRO B 337 16.42 -1.00 -6.73
N ALA B 338 17.27 -0.78 -7.72
CA ALA B 338 16.89 -0.98 -9.13
C ALA B 338 17.16 -2.42 -9.57
N PRO B 339 16.44 -2.90 -10.60
CA PRO B 339 16.73 -4.23 -11.17
C PRO B 339 18.21 -4.39 -11.53
N VAL B 340 18.76 -5.59 -11.34
CA VAL B 340 20.17 -5.82 -11.64
C VAL B 340 20.42 -5.62 -13.12
N GLY B 341 21.57 -5.03 -13.45
CA GLY B 341 21.90 -4.72 -14.83
C GLY B 341 21.40 -3.36 -15.30
N ALA B 342 20.74 -2.61 -14.42
CA ALA B 342 20.13 -1.35 -14.82
C ALA B 342 21.14 -0.20 -14.99
N TYR B 343 22.38 -0.39 -14.56
CA TYR B 343 23.38 0.68 -14.59
C TYR B 343 24.75 0.26 -15.15
N PRO B 344 24.79 -0.18 -16.40
CA PRO B 344 26.07 -0.58 -17.01
C PRO B 344 27.13 0.52 -16.97
N ALA B 345 26.73 1.79 -17.12
CA ALA B 345 27.67 2.90 -17.14
C ALA B 345 28.34 3.14 -15.78
N GLY B 346 27.73 2.61 -14.72
CA GLY B 346 28.26 2.80 -13.39
C GLY B 346 29.22 1.70 -12.96
N ALA B 347 29.62 0.86 -13.91
CA ALA B 347 30.49 -0.27 -13.59
C ALA B 347 31.88 0.18 -13.13
N SER B 348 32.47 -0.58 -12.21
CA SER B 348 33.88 -0.39 -11.85
C SER B 348 34.78 -0.84 -12.99
N ALA B 349 36.09 -0.64 -12.84
CA ALA B 349 37.05 -1.00 -13.88
C ALA B 349 37.01 -2.50 -14.23
N CYS B 350 36.87 -3.35 -13.22
CA CYS B 350 36.82 -4.79 -13.43
C CYS B 350 35.42 -5.29 -13.86
N GLY B 351 34.47 -4.38 -13.97
CA GLY B 351 33.15 -4.70 -14.48
C GLY B 351 32.07 -4.96 -13.45
N ALA B 352 32.39 -4.83 -12.17
CA ALA B 352 31.38 -5.01 -11.14
C ALA B 352 30.41 -3.83 -11.17
N GLU B 353 29.11 -4.14 -11.20
CA GLU B 353 28.07 -3.12 -11.38
C GLU B 353 27.24 -2.87 -10.12
N GLN B 354 26.74 -1.64 -10.03
CA GLN B 354 25.86 -1.19 -8.95
C GLN B 354 26.56 -1.35 -7.60
N MET B 355 27.87 -1.09 -7.58
CA MET B 355 28.62 -1.12 -6.34
CA MET B 355 28.61 -1.14 -6.33
C MET B 355 28.22 0.07 -5.48
N LEU B 356 28.03 1.22 -6.12
CA LEU B 356 27.51 2.40 -5.44
C LEU B 356 26.00 2.47 -5.65
N GLY B 357 25.28 2.65 -4.55
CA GLY B 357 23.83 2.75 -4.62
C GLY B 357 23.15 1.40 -4.54
N ASP B 358 21.82 1.43 -4.65
CA ASP B 358 20.95 0.26 -4.57
C ASP B 358 20.90 -0.40 -3.20
N VAL B 359 21.85 -1.27 -2.83
CA VAL B 359 21.81 -1.85 -1.48
C VAL B 359 23.18 -1.82 -0.80
N TRP B 360 23.18 -1.54 0.51
CA TRP B 360 24.38 -1.71 1.32
C TRP B 360 24.77 -3.18 1.22
N GLU B 361 26.05 -3.45 1.02
CA GLU B 361 26.52 -4.83 0.85
C GLU B 361 27.35 -5.33 2.03
N TRP B 362 26.88 -6.40 2.67
CA TRP B 362 27.62 -7.03 3.77
C TRP B 362 29.02 -7.45 3.35
N THR B 363 29.98 -7.23 4.24
CA THR B 363 31.32 -7.78 4.11
C THR B 363 31.67 -8.56 5.36
N SER B 364 32.70 -9.41 5.29
CA SER B 364 33.10 -10.23 6.43
C SER B 364 33.98 -9.47 7.42
N SER B 365 34.22 -8.19 7.15
CA SER B 365 35.19 -7.44 7.95
C SER B 365 34.53 -6.77 9.13
N PRO B 366 35.05 -6.99 10.35
CA PRO B 366 34.64 -6.11 11.45
C PRO B 366 35.23 -4.70 11.25
N LEU B 367 34.69 -3.70 11.94
CA LEU B 367 35.24 -2.35 11.82
C LEU B 367 36.60 -2.27 12.52
N ARG B 368 37.61 -1.81 11.79
CA ARG B 368 38.96 -1.68 12.31
C ARG B 368 39.59 -0.39 11.80
N PRO B 369 40.46 0.24 12.61
CA PRO B 369 41.12 1.43 12.07
C PRO B 369 42.16 1.05 11.02
N TRP B 370 42.31 1.83 9.96
CA TRP B 370 43.46 1.65 9.07
C TRP B 370 44.71 2.07 9.83
N PRO B 371 45.88 1.55 9.44
CA PRO B 371 47.14 2.03 10.04
C PRO B 371 47.29 3.55 9.89
N GLY B 372 47.54 4.25 11.00
CA GLY B 372 47.67 5.69 10.99
C GLY B 372 46.35 6.43 11.20
N PHE B 373 45.29 5.70 11.57
CA PHE B 373 44.00 6.32 11.87
C PHE B 373 44.15 7.39 12.95
N THR B 374 43.40 8.49 12.79
CA THR B 374 43.32 9.50 13.84
C THR B 374 41.89 10.03 13.83
N PRO B 375 41.26 10.17 15.03
CA PRO B 375 39.84 10.52 15.10
C PRO B 375 39.55 11.95 14.67
N MET B 376 38.36 12.18 14.10
CA MET B 376 37.95 13.53 13.73
C MET B 376 37.34 14.21 14.96
N ILE B 377 36.89 15.45 14.80
CA ILE B 377 36.38 16.26 15.92
C ILE B 377 35.31 15.50 16.71
N TYR B 378 34.45 14.78 15.99
CA TYR B 378 33.50 13.84 16.58
C TYR B 378 34.23 12.53 16.87
N GLN B 379 34.96 12.51 17.98
CA GLN B 379 35.89 11.43 18.31
C GLN B 379 35.19 10.09 18.57
N ARG B 380 33.97 10.14 19.09
CA ARG B 380 33.21 8.92 19.37
C ARG B 380 32.42 8.42 18.14
N TYR B 381 32.70 8.95 16.96
CA TYR B 381 31.96 8.51 15.77
C TYR B 381 32.32 7.06 15.37
N SER B 382 33.63 6.74 15.35
CA SER B 382 34.09 5.42 14.92
C SER B 382 34.67 4.59 16.06
N GLN B 383 35.48 5.23 16.90
CA GLN B 383 36.33 4.54 17.85
C GLN B 383 35.60 3.54 18.75
N PRO B 384 34.39 3.87 19.22
CA PRO B 384 33.73 2.94 20.16
C PRO B 384 33.34 1.60 19.53
N PHE B 385 33.32 1.54 18.20
CA PHE B 385 32.72 0.41 17.49
C PHE B 385 33.77 -0.46 16.78
N PHE B 386 35.03 -0.11 16.96
CA PHE B 386 36.14 -0.93 16.48
C PHE B 386 36.12 -2.30 17.14
N GLU B 387 36.69 -3.30 16.48
CA GLU B 387 36.73 -4.66 17.01
C GLU B 387 37.40 -4.66 18.37
N GLY B 388 36.71 -5.23 19.36
CA GLY B 388 37.25 -5.34 20.71
C GLY B 388 37.23 -4.04 21.50
N ALA B 389 36.52 -3.03 20.99
CA ALA B 389 36.40 -1.75 21.66
C ALA B 389 35.44 -1.84 22.85
N GLY B 390 34.60 -2.87 22.86
CA GLY B 390 33.70 -3.13 23.97
C GLY B 390 32.22 -2.89 23.67
N SER B 391 31.88 -2.58 22.42
CA SER B 391 30.50 -2.28 22.05
C SER B 391 29.80 -3.47 21.39
N GLY B 392 30.52 -4.58 21.24
CA GLY B 392 29.93 -5.78 20.67
C GLY B 392 30.46 -6.07 19.28
N ASP B 393 29.73 -6.91 18.55
CA ASP B 393 30.14 -7.36 17.23
C ASP B 393 29.53 -6.52 16.13
N TYR B 394 30.37 -6.10 15.19
CA TYR B 394 29.91 -5.35 14.03
C TYR B 394 30.54 -5.93 12.77
N ARG B 395 29.82 -5.82 11.65
CA ARG B 395 30.37 -6.10 10.33
C ARG B 395 30.19 -4.87 9.46
N VAL B 396 31.17 -4.60 8.62
CA VAL B 396 31.15 -3.43 7.76
C VAL B 396 30.29 -3.67 6.54
N LEU B 397 29.50 -2.67 6.14
CA LEU B 397 28.78 -2.70 4.87
C LEU B 397 29.29 -1.58 3.97
N ARG B 398 29.32 -1.84 2.67
CA ARG B 398 29.88 -0.89 1.70
C ARG B 398 28.92 -0.53 0.57
N GLY B 399 29.22 0.60 -0.08
CA GLY B 399 28.64 0.93 -1.37
C GLY B 399 27.41 1.82 -1.32
N GLY B 400 26.81 1.96 -0.15
CA GLY B 400 25.61 2.79 -0.02
C GLY B 400 24.39 2.09 -0.58
N SER B 401 23.22 2.59 -0.22
CA SER B 401 21.95 2.09 -0.74
C SER B 401 21.26 3.14 -1.60
N TRP B 402 20.07 2.80 -2.07
CA TRP B 402 19.22 3.73 -2.83
C TRP B 402 18.89 4.97 -2.00
N ALA B 403 19.03 4.87 -0.69
CA ALA B 403 18.65 5.95 0.23
C ALA B 403 19.77 6.95 0.52
N VAL B 404 20.99 6.64 0.09
CA VAL B 404 22.15 7.45 0.47
C VAL B 404 22.35 8.62 -0.49
N ALA B 405 22.57 9.81 0.08
CA ALA B 405 22.83 10.99 -0.73
C ALA B 405 24.18 10.86 -1.44
N ALA B 406 24.20 11.21 -2.71
CA ALA B 406 25.42 11.18 -3.52
C ALA B 406 26.51 12.04 -2.88
N ASP B 407 26.13 13.19 -2.34
CA ASP B 407 27.06 14.12 -1.70
C ASP B 407 27.93 13.49 -0.59
N ILE B 408 27.44 12.44 0.06
CA ILE B 408 28.15 11.89 1.23
C ILE B 408 28.76 10.52 0.99
N LEU B 409 28.76 10.06 -0.26
CA LEU B 409 29.17 8.69 -0.59
C LEU B 409 30.46 8.63 -1.40
N ARG B 410 31.35 7.74 -0.97
CA ARG B 410 32.61 7.46 -1.65
C ARG B 410 32.88 5.95 -1.57
N PRO B 411 33.67 5.42 -2.51
CA PRO B 411 34.05 4.00 -2.40
C PRO B 411 34.68 3.66 -1.05
N SER B 412 35.36 4.64 -0.44
CA SER B 412 36.06 4.41 0.83
C SER B 412 35.13 4.51 2.05
N PHE B 413 33.88 4.91 1.84
CA PHE B 413 32.97 5.08 2.97
C PHE B 413 32.66 3.74 3.65
N ARG B 414 32.65 3.76 4.99
CA ARG B 414 32.42 2.55 5.78
C ARG B 414 31.18 2.66 6.67
N ASN B 415 30.16 1.88 6.36
CA ASN B 415 28.99 1.69 7.21
C ASN B 415 29.28 0.46 8.10
N TRP B 416 28.57 0.31 9.22
CA TRP B 416 28.72 -0.89 10.03
C TRP B 416 27.47 -1.12 10.86
N ASP B 417 27.22 -2.36 11.22
CA ASP B 417 26.10 -2.65 12.10
C ASP B 417 26.26 -4.03 12.73
N HIS B 418 25.46 -4.29 13.76
CA HIS B 418 25.42 -5.61 14.37
C HIS B 418 24.94 -6.60 13.29
N PRO B 419 25.52 -7.81 13.26
CA PRO B 419 25.13 -8.74 12.19
C PRO B 419 23.67 -9.22 12.27
N ILE B 420 23.00 -9.05 13.40
CA ILE B 420 21.59 -9.46 13.51
C ILE B 420 20.61 -8.41 12.94
N ARG B 421 21.12 -7.28 12.47
CA ARG B 421 20.24 -6.21 11.97
C ARG B 421 19.88 -6.43 10.51
N ARG B 422 18.62 -6.25 10.17
CA ARG B 422 18.21 -6.31 8.76
C ARG B 422 17.09 -5.34 8.40
N GLN B 423 16.70 -4.44 9.30
CA GLN B 423 15.76 -3.38 8.93
C GLN B 423 16.50 -2.33 8.08
N ILE B 424 17.83 -2.37 8.15
CA ILE B 424 18.68 -1.55 7.30
C ILE B 424 18.54 -1.99 5.84
N PHE B 425 18.85 -1.08 4.92
CA PHE B 425 18.67 -1.38 3.50
C PHE B 425 19.88 -2.10 2.95
N ALA B 426 20.03 -3.37 3.38
CA ALA B 426 21.22 -4.18 3.10
C ALA B 426 20.94 -5.41 2.28
N GLY B 427 21.87 -5.71 1.37
CA GLY B 427 21.79 -6.85 0.48
C GLY B 427 23.10 -7.61 0.44
N VAL B 428 23.31 -8.36 -0.64
CA VAL B 428 24.44 -9.27 -0.74
C VAL B 428 25.13 -9.25 -2.09
N ARG B 429 26.46 -9.22 -2.05
CA ARG B 429 27.28 -9.48 -3.24
C ARG B 429 28.28 -10.58 -2.92
N LEU B 430 28.38 -11.55 -3.82
CA LEU B 430 29.25 -12.69 -3.62
C LEU B 430 30.71 -12.44 -3.99
N ALA B 431 31.58 -13.27 -3.44
CA ALA B 431 32.97 -13.33 -3.85
C ALA B 431 33.40 -14.79 -3.91
N TRP B 432 34.44 -15.06 -4.69
CA TRP B 432 35.01 -16.40 -4.84
C TRP B 432 36.52 -16.34 -4.76
N ASP B 433 37.14 -17.33 -4.11
CA ASP B 433 38.58 -17.50 -4.21
C ASP B 433 38.94 -17.91 -5.65
N VAL B 434 40.15 -17.56 -6.07
CA VAL B 434 40.69 -18.03 -7.34
C VAL B 434 41.71 -19.14 -7.11
#